data_3D4Z
#
_entry.id   3D4Z
#
_cell.length_a   68.649
_cell.length_b   109.303
_cell.length_c   137.762
_cell.angle_alpha   90.00
_cell.angle_beta   90.00
_cell.angle_gamma   90.00
#
_symmetry.space_group_name_H-M   'P 21 21 21'
#
loop_
_entity.id
_entity.type
_entity.pdbx_description
1 polymer 'Alpha-mannosidase 2'
2 non-polymer 'ZINC ION'
3 non-polymer (4R)-2-METHYLPENTANE-2,4-DIOL
4 non-polymer GLUCOIMIDAZOLE
5 water water
#
_entity_poly.entity_id   1
_entity_poly.type   'polypeptide(L)'
_entity_poly.pdbx_seq_one_letter_code
;RSSHHHHHHGEFDDPIRPPLKVARSPRPGQCQDVVQDVPNVDVQMLELYDRMSFKDIDGGVWKQGWNIKYDPLKYNAHHK
LKVFVVPHSHNDPGWIQTFEEYYQHDTKHILSNALRHLHDNPEMKFIWAEISYFARFYHDLGENKKLQMKSIVKNGQLEF
VTGGWVMPDEANSHWRNVLLQLTEGQTWLKQFMNVTPTASWAIDPFGHSPTMPYILQKSGFKNMLIQRTHYSVKKELAQQ
RQLEFLWRQIWDNKGDTALFTHMMPFYSYDIPHTCGPDPKVCCQFDFKRMGSFGLSCPWKVPPRTISDQNVAARSDLLVD
QWKKKAELYRTNVLLIPLGDDFRFKQNTEWDVQRVNYERLFEHINSQAHFNVQAQFGTLQEYFDAVHQAERAGQAEFPTL
SGDFFTYADRSDNYWSGYYTSRPYHKRMDRVLMHYVRAAEMLSAWHSWDGMARIEERLEQARRELSLFQHHDGITGTAKT
HVVVDYEQRMQEALKACQMVMQQSVYRLLTKPSIYSPDFSFSYFTLDDSRWPGSGVEDSRTTIILGEDILPSKHVVMHNT
LPHWREQLVDFYVSSPFVSVTDLANNPVEAQVSPVWSWHHDTLTKTIHPQGSTTKYRIIFKARVPPMGLATYVLTISDSK
PEHTSYASNLLLRKNPTSLPLGQYPEDVKFGDPREISLRVGNGPTLAFSEQGLLKSIQLTQDSPHVPVHFKFLKYGVRSH
GDRSGAYLFLPNGPASPVELGQPVVLVTKGKLESSVSVGLPSVVHQTIMRGGAPEIRNLVDIGSLDNTEIVMRLETHIDS
GDIFYTDLNGLQFIKRRRLDKLPLQANYYPIPSGMFIEDANTRLTLLTGQPLGGSSLASGELEIMQDRRLASDDERGLGQ
GVLDNKPVLHIYRLVLEKVNNCVRPSKLHPAGYLTSAAHKASQSLLDPLDKFIFAENEWIGAQGQFGGDHPSAREDLDVS
VMRRLTKSSAKTQRVGYVLHRTNLMQCGTPEEHTQKLDVCHLLPNVARCERTTLTFLQNLEHLDGMVAPEVCPMETAAYV
SSHSS
;
_entity_poly.pdbx_strand_id   A
#
# COMPACT_ATOMS: atom_id res chain seq x y z
N GLN A 30 -18.64 -8.22 -24.33
CA GLN A 30 -17.88 -9.10 -23.45
C GLN A 30 -17.30 -8.32 -22.28
N CYS A 31 -16.03 -7.91 -22.41
CA CYS A 31 -15.51 -7.07 -21.36
C CYS A 31 -16.28 -5.78 -21.31
N GLN A 32 -16.56 -5.18 -20.17
CA GLN A 32 -17.04 -3.82 -20.11
C GLN A 32 -15.95 -2.85 -20.55
N ASP A 33 -16.38 -1.81 -21.22
CA ASP A 33 -15.56 -0.66 -21.59
C ASP A 33 -15.31 0.23 -20.38
N VAL A 34 -14.08 0.39 -19.94
CA VAL A 34 -13.82 1.14 -18.72
C VAL A 34 -13.47 2.59 -19.03
N VAL A 35 -13.52 2.94 -20.33
CA VAL A 35 -13.12 4.30 -20.72
C VAL A 35 -14.28 5.20 -21.16
N GLN A 36 -15.15 4.64 -21.99
CA GLN A 36 -16.05 5.50 -22.77
C GLN A 36 -17.44 5.62 -22.21
N ASP A 37 -17.82 4.85 -21.23
CA ASP A 37 -19.16 4.87 -20.65
C ASP A 37 -19.09 5.50 -19.27
N VAL A 38 -19.62 6.68 -19.02
CA VAL A 38 -19.60 7.26 -17.67
C VAL A 38 -20.69 6.63 -16.82
N PRO A 39 -20.30 5.93 -15.76
CA PRO A 39 -21.34 5.29 -14.95
C PRO A 39 -22.33 6.31 -14.37
N ASN A 40 -23.59 5.83 -14.37
CA ASN A 40 -24.63 6.58 -13.71
C ASN A 40 -24.79 6.09 -12.28
N VAL A 41 -24.44 6.94 -11.34
CA VAL A 41 -24.53 6.55 -9.93
C VAL A 41 -25.30 7.64 -9.18
N ASP A 42 -25.87 7.30 -8.03
CA ASP A 42 -26.57 8.33 -7.28
C ASP A 42 -25.65 9.34 -6.62
N VAL A 43 -24.51 8.84 -6.16
CA VAL A 43 -23.49 9.66 -5.52
C VAL A 43 -22.16 9.37 -6.22
N GLN A 44 -21.57 10.41 -6.78
CA GLN A 44 -20.24 10.28 -7.36
C GLN A 44 -19.38 11.27 -6.57
N MET A 45 -18.37 10.75 -5.86
CA MET A 45 -17.73 11.63 -4.88
C MET A 45 -17.02 12.85 -5.45
N LEU A 46 -16.49 12.79 -6.67
CA LEU A 46 -15.87 13.99 -7.23
C LEU A 46 -16.95 15.02 -7.50
N GLU A 47 -18.09 14.53 -8.01
CA GLU A 47 -19.17 15.48 -8.30
C GLU A 47 -19.74 16.08 -7.02
N LEU A 48 -19.89 15.25 -5.98
CA LEU A 48 -20.34 15.72 -4.67
C LEU A 48 -19.42 16.78 -4.10
N TYR A 49 -18.11 16.50 -4.18
CA TYR A 49 -17.14 17.47 -3.71
C TYR A 49 -17.25 18.81 -4.39
N ASP A 50 -17.53 18.75 -5.70
CA ASP A 50 -17.60 20.04 -6.44
C ASP A 50 -18.80 20.85 -5.98
N ARG A 51 -19.89 20.22 -5.60
CA ARG A 51 -21.09 20.96 -5.22
C ARG A 51 -21.25 21.23 -3.71
N MET A 52 -20.59 20.44 -2.88
CA MET A 52 -20.65 20.55 -1.43
C MET A 52 -20.01 21.79 -0.86
N SER A 53 -20.53 22.30 0.24
CA SER A 53 -19.97 23.52 0.83
C SER A 53 -18.77 23.45 1.84
N PHE A 54 -18.72 22.38 2.61
CA PHE A 54 -17.68 22.15 3.60
C PHE A 54 -17.68 23.13 4.78
N LYS A 55 -18.72 23.95 4.92
CA LYS A 55 -18.69 24.85 6.07
C LYS A 55 -18.75 24.09 7.37
N ASP A 56 -17.94 24.54 8.32
CA ASP A 56 -17.81 23.89 9.61
C ASP A 56 -18.62 24.62 10.68
N ILE A 57 -19.90 24.25 10.70
CA ILE A 57 -20.77 24.95 11.64
C ILE A 57 -21.18 24.08 12.81
N ASP A 58 -21.45 24.78 13.90
CA ASP A 58 -21.76 24.13 15.14
C ASP A 58 -23.18 23.57 15.00
N GLY A 59 -23.31 22.25 15.00
CA GLY A 59 -24.58 21.60 14.77
C GLY A 59 -25.33 21.28 16.05
N GLY A 60 -24.79 21.64 17.20
CA GLY A 60 -25.41 21.37 18.51
C GLY A 60 -24.70 20.21 19.16
N VAL A 61 -25.44 19.39 19.88
CA VAL A 61 -24.81 18.25 20.56
C VAL A 61 -24.15 17.33 19.52
N TRP A 62 -24.74 17.20 18.34
CA TRP A 62 -24.04 16.56 17.22
C TRP A 62 -23.26 17.73 16.59
N LYS A 63 -21.98 17.83 17.02
CA LYS A 63 -21.29 19.09 16.68
C LYS A 63 -21.19 19.28 15.18
N GLN A 64 -21.07 18.17 14.44
CA GLN A 64 -20.85 18.32 13.00
C GLN A 64 -22.06 17.95 12.20
N GLY A 65 -23.22 17.85 12.86
CA GLY A 65 -24.45 17.52 12.16
C GLY A 65 -25.54 18.54 12.45
N TRP A 66 -26.68 18.06 12.93
CA TRP A 66 -27.83 18.93 13.22
C TRP A 66 -28.63 18.25 14.31
N ASN A 67 -29.64 18.91 14.84
CA ASN A 67 -30.50 18.35 15.87
C ASN A 67 -31.48 17.40 15.22
N ILE A 68 -31.25 16.12 15.32
CA ILE A 68 -32.12 15.18 14.64
C ILE A 68 -33.48 15.09 15.28
N LYS A 69 -34.50 15.08 14.42
CA LYS A 69 -35.87 14.95 14.89
C LYS A 69 -36.48 13.67 14.32
N TYR A 70 -37.35 13.02 15.07
CA TYR A 70 -38.00 11.84 14.53
C TYR A 70 -39.48 11.84 14.91
N ASP A 71 -40.28 11.11 14.16
CA ASP A 71 -41.70 11.03 14.49
C ASP A 71 -41.93 9.84 15.41
N PRO A 72 -42.38 10.06 16.63
CA PRO A 72 -42.52 8.94 17.58
C PRO A 72 -43.40 7.83 17.02
N LEU A 73 -44.32 8.20 16.13
CA LEU A 73 -45.26 7.23 15.58
C LEU A 73 -44.67 6.39 14.46
N LYS A 74 -43.41 6.61 14.10
CA LYS A 74 -42.81 5.86 12.99
C LYS A 74 -42.75 4.36 13.30
N TYR A 75 -42.40 4.09 14.54
CA TYR A 75 -42.34 2.72 15.01
C TYR A 75 -43.59 2.43 15.84
N ASN A 76 -44.10 1.22 15.69
CA ASN A 76 -45.37 0.81 16.29
C ASN A 76 -45.33 -0.71 16.38
N ALA A 77 -46.40 -1.27 16.89
CA ALA A 77 -46.54 -2.71 17.07
C ALA A 77 -46.22 -3.48 15.80
N HIS A 78 -46.61 -3.00 14.63
CA HIS A 78 -46.32 -3.77 13.43
C HIS A 78 -45.08 -3.28 12.71
N HIS A 79 -44.29 -2.46 13.40
CA HIS A 79 -43.10 -1.92 12.72
C HIS A 79 -42.19 -1.38 13.84
N LYS A 80 -41.39 -2.30 14.35
CA LYS A 80 -40.52 -2.05 15.47
C LYS A 80 -39.12 -1.76 14.96
N LEU A 81 -38.41 -1.05 15.78
CA LEU A 81 -36.99 -0.79 15.52
C LEU A 81 -36.19 -1.95 16.09
N LYS A 82 -35.47 -2.67 15.24
CA LYS A 82 -34.61 -3.76 15.69
C LYS A 82 -33.21 -3.22 15.89
N VAL A 83 -32.68 -3.35 17.12
CA VAL A 83 -31.41 -2.75 17.49
C VAL A 83 -30.41 -3.87 17.81
N PHE A 84 -29.28 -3.80 17.09
CA PHE A 84 -28.21 -4.76 17.34
C PHE A 84 -27.05 -4.05 18.00
N VAL A 85 -26.79 -4.36 19.25
CA VAL A 85 -25.64 -3.77 19.95
C VAL A 85 -24.48 -4.72 19.75
N VAL A 86 -23.41 -4.26 19.12
CA VAL A 86 -22.33 -5.16 18.69
C VAL A 86 -21.05 -4.86 19.46
N PRO A 87 -20.75 -5.64 20.49
CA PRO A 87 -19.54 -5.44 21.27
C PRO A 87 -18.26 -5.70 20.45
N HIS A 88 -17.30 -4.81 20.64
CA HIS A 88 -16.08 -4.90 19.85
C HIS A 88 -14.92 -4.31 20.63
N SER A 89 -13.72 -4.55 20.10
CA SER A 89 -12.53 -4.14 20.81
C SER A 89 -11.49 -3.79 19.73
N HIS A 90 -11.16 -2.51 19.63
CA HIS A 90 -10.19 -2.12 18.59
C HIS A 90 -8.78 -2.42 19.05
N ASN A 91 -8.07 -3.33 18.38
CA ASN A 91 -6.73 -3.77 18.82
C ASN A 91 -5.70 -3.38 17.77
N ASP A 92 -4.97 -2.32 17.97
CA ASP A 92 -3.91 -1.91 17.04
C ASP A 92 -2.74 -2.88 17.11
N PRO A 93 -2.38 -3.55 16.04
CA PRO A 93 -1.18 -4.40 15.99
C PRO A 93 0.09 -3.61 15.91
N GLY A 94 0.35 -2.89 16.98
CA GLY A 94 1.42 -1.91 17.10
C GLY A 94 0.85 -0.52 16.97
N TRP A 95 1.28 0.40 17.82
CA TRP A 95 0.94 1.81 17.67
C TRP A 95 1.75 2.56 18.74
N ILE A 96 1.27 2.68 19.96
CA ILE A 96 1.99 3.27 21.08
CA ILE A 96 2.14 3.30 20.97
C ILE A 96 2.86 2.24 21.81
N GLN A 97 2.52 0.98 21.56
CA GLN A 97 3.27 -0.16 22.08
C GLN A 97 3.54 -1.08 20.86
N THR A 98 4.54 -1.96 20.95
CA THR A 98 4.71 -2.91 19.86
C THR A 98 3.58 -3.93 19.86
N PHE A 99 3.46 -4.67 18.77
CA PHE A 99 2.55 -5.79 18.72
C PHE A 99 2.70 -6.68 19.95
N GLU A 100 3.92 -7.12 20.23
CA GLU A 100 4.09 -8.07 21.33
C GLU A 100 3.80 -7.39 22.66
N GLU A 101 4.16 -6.13 22.85
CA GLU A 101 3.85 -5.44 24.10
C GLU A 101 2.34 -5.38 24.31
N TYR A 102 1.62 -4.99 23.26
CA TYR A 102 0.16 -4.99 23.44
C TYR A 102 -0.42 -6.36 23.65
N TYR A 103 0.16 -7.35 22.96
CA TYR A 103 -0.38 -8.69 23.17
C TYR A 103 -0.23 -9.09 24.62
N GLN A 104 0.93 -8.82 25.20
CA GLN A 104 1.17 -9.25 26.58
C GLN A 104 0.40 -8.41 27.59
N HIS A 105 0.31 -7.10 27.31
CA HIS A 105 -0.31 -6.21 28.32
C HIS A 105 -1.83 -6.18 28.22
N ASP A 106 -2.38 -6.39 27.00
CA ASP A 106 -3.79 -6.18 26.75
C ASP A 106 -4.47 -7.33 26.04
N THR A 107 -4.04 -7.61 24.80
CA THR A 107 -4.86 -8.46 23.91
C THR A 107 -4.97 -9.90 24.40
N LYS A 108 -3.93 -10.43 25.02
CA LYS A 108 -4.09 -11.83 25.46
C LYS A 108 -5.16 -11.91 26.55
N HIS A 109 -5.27 -10.85 27.34
CA HIS A 109 -6.30 -10.81 28.39
C HIS A 109 -7.68 -10.59 27.82
N ILE A 110 -7.77 -9.74 26.79
CA ILE A 110 -9.05 -9.55 26.12
C ILE A 110 -9.56 -10.85 25.52
N LEU A 111 -8.68 -11.57 24.83
CA LEU A 111 -9.18 -12.81 24.18
C LEU A 111 -9.42 -13.91 25.18
N SER A 112 -8.60 -14.01 26.21
CA SER A 112 -8.83 -15.02 27.25
C SER A 112 -10.15 -14.79 27.96
N ASN A 113 -10.41 -13.50 28.28
CA ASN A 113 -11.62 -13.19 29.02
C ASN A 113 -12.82 -13.25 28.09
N ALA A 114 -12.63 -12.96 26.80
CA ALA A 114 -13.75 -13.11 25.86
C ALA A 114 -14.18 -14.58 25.78
N LEU A 115 -13.18 -15.47 25.71
CA LEU A 115 -13.51 -16.89 25.66
C LEU A 115 -14.35 -17.32 26.86
N ARG A 116 -13.90 -16.89 28.05
CA ARG A 116 -14.61 -17.28 29.27
C ARG A 116 -16.01 -16.67 29.31
N HIS A 117 -16.07 -15.36 29.07
CA HIS A 117 -17.36 -14.68 29.25
C HIS A 117 -18.39 -15.06 28.22
N LEU A 118 -17.94 -15.25 26.98
CA LEU A 118 -18.86 -15.71 25.94
C LEU A 118 -19.33 -17.13 26.22
N HIS A 119 -18.38 -18.01 26.60
CA HIS A 119 -18.75 -19.36 26.96
C HIS A 119 -19.83 -19.35 28.04
N ASP A 120 -19.63 -18.49 29.04
CA ASP A 120 -20.56 -18.56 30.19
C ASP A 120 -21.85 -17.80 30.01
N ASN A 121 -21.95 -16.99 28.96
CA ASN A 121 -23.08 -16.10 28.75
C ASN A 121 -23.54 -16.22 27.29
N PRO A 122 -24.40 -17.20 27.05
CA PRO A 122 -24.73 -17.56 25.66
C PRO A 122 -25.33 -16.45 24.82
N GLU A 123 -25.91 -15.39 25.39
CA GLU A 123 -26.54 -14.40 24.52
C GLU A 123 -25.56 -13.27 24.22
N MET A 124 -24.42 -13.28 24.91
CA MET A 124 -23.42 -12.24 24.68
C MET A 124 -22.69 -12.51 23.37
N LYS A 125 -22.25 -11.46 22.71
CA LYS A 125 -21.65 -11.52 21.39
C LYS A 125 -20.43 -10.63 21.38
N PHE A 126 -19.58 -10.85 20.37
CA PHE A 126 -18.33 -10.11 20.26
C PHE A 126 -17.80 -10.26 18.86
N ILE A 127 -17.27 -9.18 18.30
CA ILE A 127 -16.66 -9.32 16.95
C ILE A 127 -15.17 -9.07 17.05
N TRP A 128 -14.42 -9.72 16.17
CA TRP A 128 -12.97 -9.65 16.20
C TRP A 128 -12.45 -9.44 14.79
N ALA A 129 -11.55 -8.46 14.62
CA ALA A 129 -11.03 -8.15 13.29
C ALA A 129 -9.59 -8.56 13.01
N GLU A 130 -8.68 -8.46 13.99
CA GLU A 130 -7.22 -8.52 13.70
C GLU A 130 -6.69 -9.93 13.89
N ILE A 131 -6.52 -10.64 12.78
CA ILE A 131 -6.18 -12.07 12.93
C ILE A 131 -4.73 -12.27 13.35
N SER A 132 -3.84 -11.31 13.11
CA SER A 132 -2.50 -11.40 13.67
C SER A 132 -2.53 -11.67 15.17
N TYR A 133 -3.36 -10.89 15.88
CA TYR A 133 -3.42 -11.14 17.32
C TYR A 133 -4.14 -12.44 17.64
N PHE A 134 -5.20 -12.75 16.90
CA PHE A 134 -5.97 -13.96 17.23
C PHE A 134 -5.09 -15.19 17.01
N ALA A 135 -4.33 -15.21 15.94
CA ALA A 135 -3.41 -16.35 15.72
C ALA A 135 -2.32 -16.41 16.78
N ARG A 136 -1.80 -15.27 17.22
CA ARG A 136 -0.79 -15.20 18.27
C ARG A 136 -1.35 -15.80 19.57
N PHE A 137 -2.64 -15.54 19.84
CA PHE A 137 -3.31 -16.06 21.01
C PHE A 137 -3.61 -17.54 20.93
N TYR A 138 -4.23 -17.94 19.81
N TYR A 138 -4.22 -17.90 19.80
CA TYR A 138 -4.79 -19.27 19.69
CA TYR A 138 -4.72 -19.25 19.58
C TYR A 138 -3.68 -20.32 19.65
C TYR A 138 -3.62 -20.26 19.82
N HIS A 139 -2.47 -19.94 19.23
CA HIS A 139 -1.45 -21.03 19.24
C HIS A 139 -0.85 -21.15 20.61
N ASP A 140 -1.09 -20.21 21.53
CA ASP A 140 -0.68 -20.42 22.92
C ASP A 140 -1.74 -21.15 23.76
N LEU A 141 -2.91 -21.41 23.21
CA LEU A 141 -3.96 -22.09 23.93
C LEU A 141 -3.74 -23.60 23.95
N GLY A 142 -4.04 -24.17 25.10
CA GLY A 142 -4.24 -25.60 25.23
C GLY A 142 -5.43 -26.10 24.45
N GLU A 143 -5.41 -27.37 24.08
CA GLU A 143 -6.44 -27.95 23.21
C GLU A 143 -7.83 -27.80 23.77
N ASN A 144 -8.00 -27.96 25.07
CA ASN A 144 -9.25 -27.71 25.79
C ASN A 144 -9.90 -26.38 25.42
N LYS A 145 -9.08 -25.32 25.56
CA LYS A 145 -9.50 -23.96 25.27
C LYS A 145 -9.67 -23.72 23.76
N LYS A 146 -8.83 -24.37 22.95
CA LYS A 146 -9.04 -24.26 21.51
C LYS A 146 -10.42 -24.78 21.15
N LEU A 147 -10.82 -25.91 21.75
CA LEU A 147 -12.13 -26.47 21.47
C LEU A 147 -13.25 -25.54 21.92
N GLN A 148 -13.09 -24.93 23.10
CA GLN A 148 -14.08 -24.00 23.62
C GLN A 148 -14.21 -22.81 22.65
N MET A 149 -13.05 -22.35 22.14
CA MET A 149 -13.01 -21.21 21.23
C MET A 149 -13.73 -21.58 19.94
N LYS A 150 -13.43 -22.75 19.39
CA LYS A 150 -14.09 -23.12 18.12
C LYS A 150 -15.58 -23.17 18.31
N SER A 151 -16.03 -23.60 19.49
N SER A 151 -15.98 -23.60 19.50
CA SER A 151 -17.46 -23.72 19.75
CA SER A 151 -17.40 -23.71 19.80
C SER A 151 -18.16 -22.38 19.86
C SER A 151 -18.11 -22.37 19.77
N ILE A 152 -17.54 -21.34 20.40
CA ILE A 152 -18.25 -20.04 20.44
C ILE A 152 -18.20 -19.35 19.10
N VAL A 153 -17.24 -19.73 18.25
CA VAL A 153 -17.24 -19.25 16.87
C VAL A 153 -18.31 -19.99 16.07
N LYS A 154 -18.33 -21.32 16.19
CA LYS A 154 -19.28 -22.10 15.46
C LYS A 154 -20.74 -21.73 15.79
N ASN A 155 -21.08 -21.39 17.04
CA ASN A 155 -22.43 -21.04 17.47
C ASN A 155 -22.73 -19.55 17.23
N GLY A 156 -21.79 -18.79 16.67
CA GLY A 156 -22.10 -17.42 16.29
C GLY A 156 -21.85 -16.39 17.36
N GLN A 157 -21.33 -16.72 18.54
CA GLN A 157 -21.15 -15.72 19.56
C GLN A 157 -19.95 -14.83 19.31
N LEU A 158 -18.86 -15.43 18.85
CA LEU A 158 -17.66 -14.72 18.48
C LEU A 158 -17.62 -14.74 16.96
N GLU A 159 -17.66 -13.56 16.37
CA GLU A 159 -17.71 -13.47 14.91
C GLU A 159 -16.51 -12.70 14.39
N PHE A 160 -15.82 -13.29 13.43
CA PHE A 160 -14.73 -12.59 12.80
C PHE A 160 -15.28 -11.65 11.74
N VAL A 161 -14.76 -10.43 11.74
CA VAL A 161 -15.11 -9.43 10.76
C VAL A 161 -13.85 -9.11 9.96
N THR A 162 -14.02 -9.07 8.64
CA THR A 162 -12.93 -8.95 7.65
C THR A 162 -12.04 -10.19 7.66
N GLY A 163 -11.35 -10.39 8.77
CA GLY A 163 -10.50 -11.55 8.94
C GLY A 163 -9.16 -11.37 8.29
N GLY A 164 -8.75 -10.14 8.07
CA GLY A 164 -7.38 -9.92 7.63
C GLY A 164 -6.40 -10.02 8.78
N TRP A 165 -5.14 -10.16 8.44
CA TRP A 165 -4.09 -10.13 9.43
C TRP A 165 -4.16 -8.85 10.28
N VAL A 166 -4.47 -7.76 9.60
CA VAL A 166 -4.62 -6.44 10.21
C VAL A 166 -5.88 -5.78 9.64
N MET A 167 -6.15 -4.55 10.08
CA MET A 167 -7.13 -3.63 9.46
C MET A 167 -6.26 -2.61 8.74
N PRO A 168 -6.02 -2.80 7.46
CA PRO A 168 -4.92 -2.05 6.84
C PRO A 168 -5.24 -0.59 6.60
N ASP A 169 -4.17 0.20 6.62
CA ASP A 169 -4.22 1.49 5.91
C ASP A 169 -4.81 1.33 4.53
N GLU A 170 -5.59 2.34 4.12
CA GLU A 170 -6.14 2.28 2.75
C GLU A 170 -5.54 3.34 1.83
N ALA A 171 -4.69 4.20 2.38
CA ALA A 171 -4.08 5.28 1.56
C ALA A 171 -2.77 4.88 0.92
N ASN A 172 -1.84 4.38 1.74
CA ASN A 172 -0.50 4.10 1.25
C ASN A 172 -0.27 2.68 0.78
N SER A 173 -1.17 1.80 1.22
CA SER A 173 -0.98 0.38 0.95
C SER A 173 -1.17 0.04 -0.51
N HIS A 174 -0.31 -0.88 -1.00
CA HIS A 174 -0.52 -1.36 -2.35
C HIS A 174 -1.60 -2.41 -2.34
N TRP A 175 -2.46 -2.44 -3.36
CA TRP A 175 -3.52 -3.48 -3.39
C TRP A 175 -2.96 -4.88 -3.25
N ARG A 176 -1.76 -5.10 -3.80
CA ARG A 176 -1.22 -6.47 -3.68
C ARG A 176 -1.00 -6.86 -2.23
N ASN A 177 -0.61 -5.87 -1.41
CA ASN A 177 -0.35 -6.19 0.00
C ASN A 177 -1.66 -6.17 0.83
N VAL A 178 -2.63 -5.38 0.39
CA VAL A 178 -3.95 -5.50 1.02
C VAL A 178 -4.45 -6.93 0.81
N LEU A 179 -4.34 -7.44 -0.42
CA LEU A 179 -4.76 -8.81 -0.67
C LEU A 179 -3.91 -9.79 0.12
N LEU A 180 -2.61 -9.57 0.19
CA LEU A 180 -1.73 -10.49 0.91
C LEU A 180 -2.18 -10.63 2.35
N GLN A 181 -2.40 -9.52 3.02
CA GLN A 181 -2.74 -9.61 4.44
C GLN A 181 -4.14 -10.18 4.64
N LEU A 182 -5.04 -9.85 3.73
CA LEU A 182 -6.38 -10.42 3.80
C LEU A 182 -6.31 -11.95 3.68
N THR A 183 -5.51 -12.39 2.70
CA THR A 183 -5.36 -13.81 2.50
C THR A 183 -4.67 -14.46 3.69
N GLU A 184 -3.70 -13.78 4.30
CA GLU A 184 -2.97 -14.39 5.42
C GLU A 184 -3.93 -14.67 6.55
N GLY A 185 -4.75 -13.68 6.87
CA GLY A 185 -5.72 -13.84 7.97
C GLY A 185 -6.82 -14.82 7.61
N GLN A 186 -7.37 -14.72 6.40
CA GLN A 186 -8.49 -15.61 6.09
C GLN A 186 -8.02 -17.04 5.91
N THR A 187 -6.80 -17.27 5.43
CA THR A 187 -6.33 -18.65 5.29
C THR A 187 -6.21 -19.24 6.68
N TRP A 188 -5.66 -18.48 7.62
CA TRP A 188 -5.58 -18.94 9.01
C TRP A 188 -6.97 -19.28 9.52
N LEU A 189 -7.93 -18.39 9.32
CA LEU A 189 -9.29 -18.61 9.81
C LEU A 189 -9.91 -19.84 9.19
N LYS A 190 -9.73 -20.05 7.90
CA LYS A 190 -10.34 -21.24 7.31
C LYS A 190 -9.71 -22.49 7.90
N GLN A 191 -8.40 -22.51 8.07
CA GLN A 191 -7.71 -23.70 8.57
C GLN A 191 -8.04 -24.01 10.02
N PHE A 192 -8.06 -22.99 10.87
CA PHE A 192 -8.18 -23.27 12.29
C PHE A 192 -9.60 -23.04 12.84
N MET A 193 -10.36 -22.13 12.23
N MET A 193 -10.38 -22.15 12.23
CA MET A 193 -11.69 -21.83 12.76
CA MET A 193 -11.71 -21.91 12.78
C MET A 193 -12.80 -22.30 11.82
C MET A 193 -12.83 -22.28 11.82
N ASN A 194 -12.44 -22.70 10.62
CA ASN A 194 -13.42 -23.15 9.62
C ASN A 194 -14.46 -22.08 9.33
N VAL A 195 -14.03 -20.82 9.25
CA VAL A 195 -14.98 -19.76 8.87
C VAL A 195 -14.27 -18.81 7.88
N THR A 196 -15.05 -18.22 7.00
CA THR A 196 -14.59 -17.17 6.10
C THR A 196 -15.52 -15.97 6.20
N PRO A 197 -15.10 -14.87 6.81
CA PRO A 197 -15.96 -13.69 6.92
C PRO A 197 -16.42 -13.17 5.55
N THR A 198 -17.65 -12.69 5.51
CA THR A 198 -18.18 -12.05 4.32
C THR A 198 -18.62 -10.62 4.64
N ALA A 199 -18.40 -10.18 5.87
CA ALA A 199 -18.65 -8.80 6.26
C ALA A 199 -17.33 -8.17 6.72
N SER A 200 -17.01 -6.97 6.24
CA SER A 200 -15.78 -6.31 6.62
C SER A 200 -16.07 -5.16 7.58
N TRP A 201 -15.12 -4.93 8.48
CA TRP A 201 -15.19 -3.91 9.54
C TRP A 201 -13.90 -3.08 9.51
N ALA A 202 -14.02 -1.83 9.08
CA ALA A 202 -12.84 -0.92 8.96
C ALA A 202 -13.18 0.39 9.67
N ILE A 203 -13.04 0.35 11.00
CA ILE A 203 -13.46 1.52 11.79
C ILE A 203 -12.38 2.58 11.97
N ASP A 204 -11.12 2.25 11.66
CA ASP A 204 -10.04 3.17 11.95
C ASP A 204 -9.13 3.61 10.80
N PRO A 205 -9.06 3.04 9.62
CA PRO A 205 -8.15 3.65 8.62
C PRO A 205 -8.50 5.12 8.36
N PHE A 206 -7.49 5.92 8.04
CA PHE A 206 -7.70 7.38 8.10
C PHE A 206 -8.16 7.86 6.73
N GLY A 207 -9.41 7.55 6.42
CA GLY A 207 -9.95 7.73 5.09
C GLY A 207 -10.03 6.36 4.41
N HIS A 208 -10.87 6.25 3.40
CA HIS A 208 -11.19 4.95 2.83
C HIS A 208 -11.11 4.92 1.32
N SER A 209 -10.67 3.79 0.79
CA SER A 209 -10.41 3.58 -0.62
C SER A 209 -11.34 2.57 -1.25
N PRO A 210 -11.79 2.82 -2.48
CA PRO A 210 -12.62 1.82 -3.17
C PRO A 210 -11.81 0.59 -3.55
N THR A 211 -10.49 0.60 -3.37
CA THR A 211 -9.78 -0.68 -3.58
C THR A 211 -10.27 -1.74 -2.60
N MET A 212 -10.75 -1.30 -1.44
CA MET A 212 -11.22 -2.34 -0.50
C MET A 212 -12.46 -3.06 -1.03
N PRO A 213 -13.58 -2.39 -1.36
CA PRO A 213 -14.70 -3.19 -1.90
C PRO A 213 -14.27 -3.94 -3.17
N TYR A 214 -13.32 -3.39 -3.96
CA TYR A 214 -12.86 -4.14 -5.15
C TYR A 214 -12.32 -5.51 -4.77
N ILE A 215 -11.39 -5.52 -3.83
CA ILE A 215 -10.79 -6.78 -3.40
C ILE A 215 -11.78 -7.63 -2.63
N LEU A 216 -12.53 -7.00 -1.74
CA LEU A 216 -13.47 -7.76 -0.92
C LEU A 216 -14.52 -8.45 -1.78
N GLN A 217 -15.06 -7.71 -2.75
CA GLN A 217 -16.15 -8.33 -3.53
C GLN A 217 -15.64 -9.51 -4.34
N LYS A 218 -14.39 -9.50 -4.73
CA LYS A 218 -13.75 -10.61 -5.46
C LYS A 218 -13.23 -11.67 -4.50
N SER A 219 -13.46 -11.50 -3.21
CA SER A 219 -13.03 -12.41 -2.17
C SER A 219 -14.22 -12.94 -1.37
N GLY A 220 -15.41 -12.87 -1.96
CA GLY A 220 -16.58 -13.50 -1.38
C GLY A 220 -17.38 -12.58 -0.50
N PHE A 221 -16.92 -11.34 -0.27
CA PHE A 221 -17.66 -10.51 0.67
C PHE A 221 -18.99 -10.03 0.09
N LYS A 222 -19.89 -9.76 1.04
CA LYS A 222 -21.20 -9.25 0.68
C LYS A 222 -21.46 -7.90 1.31
N ASN A 223 -20.73 -7.49 2.35
CA ASN A 223 -21.01 -6.25 3.08
C ASN A 223 -19.72 -5.70 3.68
N MET A 224 -19.68 -4.39 3.82
CA MET A 224 -18.53 -3.77 4.47
C MET A 224 -18.96 -2.53 5.23
N LEU A 225 -18.16 -2.15 6.23
CA LEU A 225 -18.43 -1.00 7.07
C LEU A 225 -17.20 -0.12 7.13
N ILE A 226 -17.40 1.18 7.07
CA ILE A 226 -16.34 2.18 7.16
C ILE A 226 -16.76 3.27 8.14
N GLN A 227 -15.76 4.06 8.60
CA GLN A 227 -16.03 5.06 9.64
C GLN A 227 -15.32 6.37 9.34
N ARG A 228 -14.02 6.38 9.06
CA ARG A 228 -13.34 7.67 9.07
C ARG A 228 -13.46 8.34 7.71
N THR A 229 -14.55 9.05 7.55
CA THR A 229 -14.77 9.89 6.39
C THR A 229 -14.98 11.34 6.87
N HIS A 230 -14.66 12.27 5.97
CA HIS A 230 -14.73 13.69 6.29
C HIS A 230 -16.06 14.03 6.94
N TYR A 231 -16.00 14.81 8.04
CA TYR A 231 -17.25 15.16 8.72
C TYR A 231 -18.25 15.82 7.82
N SER A 232 -17.79 16.57 6.81
CA SER A 232 -18.78 17.22 5.92
C SER A 232 -19.50 16.19 5.07
N VAL A 233 -18.77 15.12 4.70
CA VAL A 233 -19.39 14.05 3.91
C VAL A 233 -20.41 13.28 4.75
N LYS A 234 -20.05 12.98 6.02
CA LYS A 234 -21.06 12.31 6.86
C LYS A 234 -22.34 13.15 6.92
N LYS A 235 -22.18 14.48 7.07
CA LYS A 235 -23.37 15.31 7.22
C LYS A 235 -24.19 15.27 5.93
N GLU A 236 -23.50 15.39 4.81
CA GLU A 236 -24.20 15.45 3.54
C GLU A 236 -24.94 14.14 3.23
N LEU A 237 -24.22 13.02 3.45
CA LEU A 237 -24.87 11.75 3.17
C LEU A 237 -25.96 11.48 4.20
N ALA A 238 -25.73 11.86 5.46
CA ALA A 238 -26.80 11.58 6.45
C ALA A 238 -28.08 12.31 6.08
N GLN A 239 -27.95 13.54 5.56
CA GLN A 239 -29.13 14.32 5.27
C GLN A 239 -29.98 13.64 4.22
N GLN A 240 -29.35 12.88 3.34
CA GLN A 240 -30.05 12.22 2.24
C GLN A 240 -30.27 10.74 2.54
N ARG A 241 -29.92 10.27 3.74
CA ARG A 241 -29.97 8.85 4.08
C ARG A 241 -29.22 8.03 3.03
N GLN A 242 -28.01 8.52 2.74
CA GLN A 242 -27.12 7.83 1.78
C GLN A 242 -25.88 7.28 2.48
N LEU A 243 -26.01 6.95 3.76
CA LEU A 243 -24.88 6.39 4.52
C LEU A 243 -24.73 4.90 4.25
N GLU A 244 -25.74 4.25 3.70
CA GLU A 244 -25.61 2.89 3.21
C GLU A 244 -25.80 2.98 1.71
N PHE A 245 -24.85 2.35 1.02
CA PHE A 245 -24.85 2.49 -0.44
C PHE A 245 -24.20 1.29 -1.08
N LEU A 246 -24.47 1.08 -2.35
CA LEU A 246 -23.80 0.05 -3.14
C LEU A 246 -22.59 0.71 -3.76
N TRP A 247 -21.41 0.39 -3.22
CA TRP A 247 -20.16 1.07 -3.61
C TRP A 247 -19.57 0.32 -4.81
N ARG A 248 -19.62 0.94 -5.98
CA ARG A 248 -19.03 0.33 -7.17
C ARG A 248 -17.75 1.11 -7.55
N GLN A 249 -16.92 0.46 -8.38
CA GLN A 249 -15.73 1.14 -8.88
C GLN A 249 -16.08 2.29 -9.82
N ILE A 250 -15.19 3.28 -9.90
CA ILE A 250 -15.51 4.50 -10.63
C ILE A 250 -15.69 4.25 -12.11
N TRP A 251 -15.13 3.20 -12.68
CA TRP A 251 -15.29 2.96 -14.11
C TRP A 251 -16.41 1.97 -14.42
N ASP A 252 -17.10 1.48 -13.38
CA ASP A 252 -17.96 0.32 -13.57
C ASP A 252 -19.36 0.72 -13.98
N ASN A 253 -19.64 0.59 -15.28
CA ASN A 253 -20.92 1.04 -15.76
C ASN A 253 -22.10 0.17 -15.36
N LYS A 254 -21.81 -1.12 -15.32
CA LYS A 254 -22.91 -2.10 -15.12
C LYS A 254 -23.17 -2.30 -13.65
N GLY A 255 -22.20 -2.18 -12.77
CA GLY A 255 -22.34 -2.31 -11.33
C GLY A 255 -21.93 -3.66 -10.78
N ASP A 256 -21.25 -4.52 -11.53
CA ASP A 256 -20.97 -5.87 -11.00
C ASP A 256 -19.90 -5.86 -9.93
N THR A 257 -19.18 -4.75 -9.80
CA THR A 257 -18.23 -4.61 -8.70
C THR A 257 -18.92 -4.16 -7.41
N ALA A 258 -20.20 -3.83 -7.41
CA ALA A 258 -20.74 -3.16 -6.24
C ALA A 258 -20.71 -4.01 -4.98
N LEU A 259 -20.48 -3.35 -3.86
CA LEU A 259 -20.49 -4.01 -2.54
C LEU A 259 -21.26 -3.13 -1.57
N PHE A 260 -22.22 -3.72 -0.89
CA PHE A 260 -23.00 -2.95 0.08
C PHE A 260 -22.09 -2.41 1.17
N THR A 261 -22.17 -1.12 1.41
CA THR A 261 -21.32 -0.45 2.37
C THR A 261 -22.12 0.35 3.38
N HIS A 262 -21.78 0.24 4.64
CA HIS A 262 -22.36 1.04 5.68
C HIS A 262 -21.31 2.03 6.15
N MET A 263 -21.58 3.31 6.04
CA MET A 263 -20.75 4.33 6.65
C MET A 263 -21.33 4.74 8.00
N MET A 264 -20.55 4.65 9.08
N MET A 264 -20.57 4.66 9.07
CA MET A 264 -20.98 5.12 10.40
CA MET A 264 -21.06 5.13 10.38
C MET A 264 -21.12 6.64 10.34
C MET A 264 -21.11 6.65 10.36
N PRO A 265 -22.07 7.21 11.09
CA PRO A 265 -22.35 8.64 10.89
C PRO A 265 -21.61 9.66 11.72
N PHE A 266 -20.95 9.24 12.79
CA PHE A 266 -20.50 10.20 13.80
C PHE A 266 -18.98 10.26 13.85
N TYR A 267 -18.47 11.01 14.83
CA TYR A 267 -17.06 11.40 14.81
C TYR A 267 -16.10 10.27 15.16
N SER A 268 -16.58 9.28 15.90
CA SER A 268 -15.69 8.23 16.39
C SER A 268 -16.41 6.90 16.40
N TYR A 269 -15.64 5.82 16.50
CA TYR A 269 -16.20 4.52 16.75
C TYR A 269 -16.37 4.25 18.23
N ASP A 270 -16.02 5.20 19.11
CA ASP A 270 -16.12 4.92 20.56
C ASP A 270 -17.58 5.00 20.99
N ILE A 271 -17.82 4.57 22.24
CA ILE A 271 -19.22 4.44 22.66
C ILE A 271 -19.89 5.81 22.68
N PRO A 272 -19.28 6.87 23.16
CA PRO A 272 -19.98 8.18 23.10
C PRO A 272 -20.42 8.56 21.69
N HIS A 273 -19.78 8.03 20.65
CA HIS A 273 -20.14 8.47 19.30
C HIS A 273 -20.77 7.34 18.49
N THR A 274 -21.32 6.33 19.20
CA THR A 274 -21.98 5.26 18.46
C THR A 274 -23.39 4.97 18.95
N CYS A 275 -23.86 5.54 20.04
CA CYS A 275 -25.24 5.22 20.45
C CYS A 275 -26.27 6.13 19.79
N GLY A 276 -25.83 7.29 19.30
CA GLY A 276 -26.71 8.34 18.85
C GLY A 276 -25.90 9.65 18.76
N PRO A 277 -26.60 10.73 18.36
CA PRO A 277 -25.91 11.97 18.06
C PRO A 277 -25.36 12.74 19.23
N ASP A 278 -25.83 12.47 20.46
CA ASP A 278 -25.34 13.27 21.60
C ASP A 278 -24.34 12.53 22.47
N PRO A 279 -23.07 12.86 22.35
CA PRO A 279 -22.09 12.07 23.12
C PRO A 279 -22.18 12.26 24.62
N LYS A 280 -22.70 13.39 25.08
CA LYS A 280 -22.92 13.56 26.52
C LYS A 280 -23.91 12.51 27.04
N VAL A 281 -24.88 12.12 26.21
CA VAL A 281 -25.81 11.07 26.62
C VAL A 281 -25.15 9.70 26.40
N CYS A 282 -24.58 9.50 25.20
CA CYS A 282 -24.05 8.15 24.93
C CYS A 282 -22.92 7.74 25.88
N CYS A 283 -22.15 8.75 26.33
CA CYS A 283 -21.04 8.36 27.27
C CYS A 283 -21.55 7.74 28.56
N GLN A 284 -22.77 8.11 28.98
CA GLN A 284 -23.40 7.53 30.15
C GLN A 284 -23.78 6.06 29.97
N PHE A 285 -23.59 5.54 28.76
CA PHE A 285 -23.91 4.12 28.49
C PHE A 285 -22.64 3.35 28.13
N ASP A 286 -21.50 3.92 28.48
CA ASP A 286 -20.22 3.25 28.45
C ASP A 286 -19.88 2.94 29.90
N PHE A 287 -20.26 1.73 30.36
CA PHE A 287 -20.23 1.47 31.79
C PHE A 287 -18.83 1.26 32.31
N LYS A 288 -17.80 1.33 31.47
CA LYS A 288 -16.42 1.32 31.93
C LYS A 288 -15.97 2.71 32.39
N ARG A 289 -16.82 3.72 32.25
CA ARG A 289 -16.40 5.05 32.63
C ARG A 289 -16.85 5.49 34.03
N MET A 290 -17.04 4.61 35.02
CA MET A 290 -17.63 5.17 36.26
C MET A 290 -16.53 5.49 37.26
N GLY A 291 -15.26 5.15 36.98
CA GLY A 291 -14.16 5.55 37.84
C GLY A 291 -13.06 4.55 38.20
N SER A 292 -13.45 3.33 38.56
CA SER A 292 -12.50 2.29 38.94
C SER A 292 -11.57 1.81 37.81
N PHE A 293 -11.94 2.12 36.58
CA PHE A 293 -11.14 1.75 35.42
C PHE A 293 -10.29 2.92 34.92
N GLY A 294 -10.30 4.01 35.65
CA GLY A 294 -9.51 5.18 35.26
C GLY A 294 -9.96 5.82 33.98
N LEU A 295 -11.25 5.69 33.71
CA LEU A 295 -11.84 6.40 32.57
C LEU A 295 -12.98 7.27 33.08
N SER A 296 -13.33 8.30 32.36
CA SER A 296 -14.43 9.17 32.75
C SER A 296 -15.07 9.75 31.51
N CYS A 297 -16.15 10.50 31.71
CA CYS A 297 -16.86 11.15 30.60
C CYS A 297 -16.47 12.62 30.51
N PRO A 298 -15.85 13.03 29.42
CA PRO A 298 -15.45 14.45 29.33
C PRO A 298 -16.66 15.40 29.34
N TRP A 299 -17.84 14.88 29.03
CA TRP A 299 -19.06 15.70 29.01
C TRP A 299 -19.60 15.88 30.43
N LYS A 300 -18.94 15.32 31.42
CA LYS A 300 -19.14 15.54 32.85
C LYS A 300 -20.39 14.90 33.44
N VAL A 301 -21.03 14.01 32.70
CA VAL A 301 -22.15 13.26 33.27
C VAL A 301 -21.69 11.79 33.25
N PRO A 302 -21.48 11.13 34.38
CA PRO A 302 -20.98 9.75 34.37
C PRO A 302 -22.10 8.76 34.10
N PRO A 303 -21.69 7.57 33.69
CA PRO A 303 -22.65 6.49 33.62
C PRO A 303 -23.15 6.22 35.03
N ARG A 304 -24.39 5.74 35.07
CA ARG A 304 -25.00 5.25 36.29
C ARG A 304 -25.42 3.80 36.11
N THR A 305 -25.08 3.01 37.13
CA THR A 305 -25.50 1.61 37.13
C THR A 305 -27.01 1.52 36.94
N ILE A 306 -27.43 0.63 36.03
CA ILE A 306 -28.85 0.46 35.78
C ILE A 306 -29.48 -0.34 36.92
N SER A 307 -30.62 0.14 37.41
CA SER A 307 -31.34 -0.55 38.47
C SER A 307 -32.81 -0.56 38.16
N ASP A 308 -33.61 -1.24 38.97
CA ASP A 308 -35.05 -1.13 38.74
C ASP A 308 -35.58 0.29 38.85
N GLN A 309 -34.99 1.11 39.70
CA GLN A 309 -35.45 2.47 39.99
C GLN A 309 -35.11 3.48 38.91
N ASN A 310 -34.06 3.17 38.13
CA ASN A 310 -33.75 4.15 37.09
C ASN A 310 -33.91 3.58 35.68
N VAL A 311 -34.26 2.30 35.53
CA VAL A 311 -34.12 1.69 34.20
C VAL A 311 -35.14 2.32 33.28
N ALA A 312 -36.30 2.76 33.75
CA ALA A 312 -37.24 3.38 32.80
C ALA A 312 -36.66 4.69 32.26
N ALA A 313 -36.11 5.50 33.17
CA ALA A 313 -35.51 6.79 32.78
C ALA A 313 -34.32 6.59 31.86
N ARG A 314 -33.43 5.68 32.24
CA ARG A 314 -32.24 5.48 31.40
C ARG A 314 -32.62 4.95 30.03
N SER A 315 -33.63 4.05 30.02
CA SER A 315 -34.10 3.47 28.78
C SER A 315 -34.68 4.53 27.86
N ASP A 316 -35.50 5.41 28.43
CA ASP A 316 -36.00 6.53 27.64
C ASP A 316 -34.89 7.35 26.99
N LEU A 317 -33.83 7.65 27.74
CA LEU A 317 -32.69 8.44 27.22
C LEU A 317 -32.02 7.69 26.07
N LEU A 318 -31.81 6.40 26.30
CA LEU A 318 -31.03 5.62 25.32
C LEU A 318 -31.85 5.37 24.07
N VAL A 319 -33.11 5.00 24.24
CA VAL A 319 -33.93 4.74 23.05
C VAL A 319 -34.09 5.99 22.19
N ASP A 320 -34.17 7.15 22.82
CA ASP A 320 -34.24 8.41 22.09
C ASP A 320 -32.99 8.62 21.26
N GLN A 321 -31.82 8.28 21.81
CA GLN A 321 -30.59 8.38 21.01
C GLN A 321 -30.65 7.42 19.82
N TRP A 322 -31.07 6.19 20.10
CA TRP A 322 -31.22 5.16 19.06
C TRP A 322 -32.15 5.62 17.96
N LYS A 323 -33.31 6.15 18.35
CA LYS A 323 -34.26 6.52 17.30
C LYS A 323 -33.76 7.71 16.49
N LYS A 324 -32.97 8.59 17.08
CA LYS A 324 -32.37 9.66 16.31
C LYS A 324 -31.34 9.09 15.34
N LYS A 325 -30.49 8.18 15.81
CA LYS A 325 -29.52 7.57 14.89
C LYS A 325 -30.27 6.88 13.73
N ALA A 326 -31.38 6.21 14.06
CA ALA A 326 -32.13 5.48 13.04
C ALA A 326 -32.68 6.39 11.96
N GLU A 327 -32.90 7.66 12.30
CA GLU A 327 -33.41 8.59 11.27
C GLU A 327 -32.46 8.79 10.11
N LEU A 328 -31.19 8.43 10.31
CA LEU A 328 -30.16 8.68 9.31
C LEU A 328 -30.08 7.52 8.34
N TYR A 329 -30.81 6.43 8.57
CA TYR A 329 -30.76 5.19 7.78
C TYR A 329 -32.13 4.80 7.26
N ARG A 330 -32.17 3.91 6.26
CA ARG A 330 -33.42 3.63 5.58
C ARG A 330 -34.20 2.42 6.08
N THR A 331 -33.63 1.51 6.85
CA THR A 331 -34.42 0.39 7.31
C THR A 331 -34.76 0.55 8.79
N ASN A 332 -35.50 -0.41 9.29
CA ASN A 332 -35.81 -0.44 10.71
C ASN A 332 -34.84 -1.33 11.47
N VAL A 333 -33.62 -1.52 10.97
CA VAL A 333 -32.59 -2.30 11.62
C VAL A 333 -31.44 -1.36 11.94
N LEU A 334 -31.04 -1.25 13.20
CA LEU A 334 -30.07 -0.26 13.64
C LEU A 334 -28.82 -0.91 14.20
N LEU A 335 -27.67 -0.43 13.71
CA LEU A 335 -26.38 -0.92 14.20
C LEU A 335 -25.87 -0.02 15.30
N ILE A 336 -25.59 -0.58 16.49
CA ILE A 336 -25.00 0.15 17.61
C ILE A 336 -23.72 -0.56 18.05
N PRO A 337 -22.58 -0.16 17.49
CA PRO A 337 -21.32 -0.71 17.98
C PRO A 337 -21.15 -0.36 19.47
N LEU A 338 -20.55 -1.26 20.23
CA LEU A 338 -20.29 -1.04 21.64
C LEU A 338 -18.84 -1.42 21.93
N GLY A 339 -17.94 -0.42 21.81
CA GLY A 339 -16.52 -0.79 22.07
C GLY A 339 -15.64 0.44 21.85
N ASP A 340 -14.35 0.20 21.96
CA ASP A 340 -13.32 1.19 21.91
C ASP A 340 -11.98 0.47 21.91
N ASP A 341 -10.91 1.22 22.00
CA ASP A 341 -9.57 0.62 21.93
C ASP A 341 -9.33 -0.35 23.08
N PHE A 342 -8.89 -1.54 22.71
CA PHE A 342 -8.46 -2.55 23.69
C PHE A 342 -9.46 -2.71 24.80
N ARG A 343 -10.74 -2.69 24.41
CA ARG A 343 -11.82 -2.90 25.38
C ARG A 343 -12.07 -4.39 25.61
N PHE A 344 -12.92 -4.63 26.58
CA PHE A 344 -13.30 -5.99 26.96
C PHE A 344 -12.08 -6.77 27.42
N LYS A 345 -11.28 -6.09 28.25
CA LYS A 345 -10.09 -6.66 28.86
C LYS A 345 -10.39 -7.28 30.21
N GLN A 346 -10.74 -6.48 31.19
CA GLN A 346 -10.97 -6.97 32.56
C GLN A 346 -12.24 -7.78 32.66
N ASN A 347 -12.25 -8.82 33.49
CA ASN A 347 -13.48 -9.53 33.78
C ASN A 347 -14.55 -8.56 34.30
N THR A 348 -14.13 -7.61 35.14
CA THR A 348 -15.14 -6.72 35.71
C THR A 348 -15.75 -5.85 34.61
N GLU A 349 -14.97 -5.62 33.55
CA GLU A 349 -15.46 -4.81 32.43
C GLU A 349 -16.52 -5.58 31.64
N TRP A 350 -16.25 -6.85 31.35
CA TRP A 350 -17.22 -7.68 30.66
C TRP A 350 -18.51 -7.64 31.47
N ASP A 351 -18.40 -7.81 32.79
CA ASP A 351 -19.63 -7.84 33.60
C ASP A 351 -20.37 -6.52 33.56
N VAL A 352 -19.60 -5.42 33.71
CA VAL A 352 -20.31 -4.14 33.87
C VAL A 352 -21.01 -3.73 32.59
N GLN A 353 -20.41 -4.05 31.43
CA GLN A 353 -21.13 -3.74 30.18
C GLN A 353 -22.28 -4.71 30.01
N ARG A 354 -22.03 -6.00 30.18
CA ARG A 354 -23.07 -6.96 29.86
C ARG A 354 -24.31 -6.82 30.73
N VAL A 355 -24.04 -6.71 32.05
CA VAL A 355 -25.19 -6.74 32.96
C VAL A 355 -26.04 -5.48 32.79
N ASN A 356 -25.39 -4.33 32.62
CA ASN A 356 -26.16 -3.08 32.49
C ASN A 356 -26.94 -3.11 31.20
N TYR A 357 -26.34 -3.57 30.10
CA TYR A 357 -27.09 -3.64 28.84
C TYR A 357 -28.22 -4.66 28.93
N GLU A 358 -27.96 -5.82 29.59
CA GLU A 358 -29.03 -6.79 29.77
C GLU A 358 -30.21 -6.16 30.48
N ARG A 359 -29.96 -5.36 31.50
CA ARG A 359 -31.05 -4.72 32.23
C ARG A 359 -31.83 -3.76 31.32
N LEU A 360 -31.12 -3.00 30.49
CA LEU A 360 -31.77 -2.10 29.53
C LEU A 360 -32.61 -2.90 28.54
N PHE A 361 -32.02 -3.94 27.94
CA PHE A 361 -32.79 -4.72 26.96
C PHE A 361 -34.06 -5.29 27.57
N GLU A 362 -33.95 -5.81 28.80
CA GLU A 362 -35.15 -6.49 29.37
C GLU A 362 -36.27 -5.46 29.51
N HIS A 363 -35.90 -4.26 30.00
CA HIS A 363 -36.93 -3.25 30.18
C HIS A 363 -37.44 -2.77 28.84
N ILE A 364 -36.56 -2.36 27.94
CA ILE A 364 -36.98 -1.82 26.66
C ILE A 364 -37.81 -2.81 25.90
N ASN A 365 -37.38 -4.05 25.85
CA ASN A 365 -38.09 -5.00 24.95
C ASN A 365 -39.48 -5.37 25.50
N SER A 366 -39.68 -5.10 26.78
CA SER A 366 -40.93 -5.51 27.42
C SER A 366 -41.89 -4.33 27.52
N GLN A 367 -41.45 -3.15 27.10
CA GLN A 367 -42.29 -1.95 27.17
C GLN A 367 -42.76 -1.58 25.78
N ALA A 368 -43.97 -1.99 25.48
CA ALA A 368 -44.44 -1.87 24.10
C ALA A 368 -44.34 -0.45 23.55
N HIS A 369 -44.49 0.53 24.44
CA HIS A 369 -44.51 1.90 23.95
C HIS A 369 -43.22 2.31 23.25
N PHE A 370 -42.11 1.61 23.48
CA PHE A 370 -40.89 1.98 22.73
C PHE A 370 -40.87 1.39 21.33
N ASN A 371 -41.58 0.28 21.11
CA ASN A 371 -41.63 -0.40 19.81
C ASN A 371 -40.20 -0.68 19.33
N VAL A 372 -39.41 -1.16 20.29
CA VAL A 372 -38.02 -1.55 20.03
C VAL A 372 -37.76 -2.98 20.46
N GLN A 373 -36.97 -3.74 19.71
CA GLN A 373 -36.42 -5.03 20.12
C GLN A 373 -34.90 -4.89 20.01
N ALA A 374 -34.23 -4.88 21.15
CA ALA A 374 -32.81 -4.68 21.23
C ALA A 374 -32.07 -5.88 21.76
N GLN A 375 -30.90 -6.16 21.20
CA GLN A 375 -30.18 -7.36 21.63
C GLN A 375 -28.71 -7.23 21.26
N PHE A 376 -27.86 -7.99 21.97
CA PHE A 376 -26.48 -8.08 21.47
C PHE A 376 -26.54 -8.77 20.12
N GLY A 377 -25.67 -8.33 19.20
CA GLY A 377 -25.64 -8.98 17.88
C GLY A 377 -24.19 -8.91 17.36
N THR A 378 -24.04 -9.55 16.20
CA THR A 378 -22.81 -9.45 15.45
C THR A 378 -23.05 -8.60 14.20
N LEU A 379 -21.93 -8.29 13.53
CA LEU A 379 -22.02 -7.48 12.32
C LEU A 379 -22.80 -8.22 11.24
N GLN A 380 -22.54 -9.51 11.03
CA GLN A 380 -23.26 -10.24 9.99
C GLN A 380 -24.76 -10.26 10.30
N GLU A 381 -25.09 -10.35 11.58
CA GLU A 381 -26.52 -10.35 11.95
C GLU A 381 -27.19 -9.05 11.52
N TYR A 382 -26.47 -7.95 11.75
CA TYR A 382 -26.97 -6.63 11.36
C TYR A 382 -27.23 -6.63 9.86
N PHE A 383 -26.22 -6.96 9.06
CA PHE A 383 -26.38 -6.89 7.60
C PHE A 383 -27.43 -7.85 7.13
N ASP A 384 -27.52 -9.05 7.70
CA ASP A 384 -28.57 -9.97 7.25
C ASP A 384 -29.94 -9.36 7.45
N ALA A 385 -30.14 -8.71 8.60
CA ALA A 385 -31.47 -8.14 8.85
C ALA A 385 -31.73 -6.97 7.92
N VAL A 386 -30.71 -6.15 7.62
CA VAL A 386 -30.87 -5.04 6.70
C VAL A 386 -31.32 -5.60 5.36
N HIS A 387 -30.64 -6.62 4.87
CA HIS A 387 -31.04 -7.10 3.54
C HIS A 387 -32.39 -7.82 3.56
N GLN A 388 -32.81 -8.39 4.68
CA GLN A 388 -34.18 -8.92 4.77
C GLN A 388 -35.15 -7.76 4.63
N ALA A 389 -34.80 -6.61 5.26
CA ALA A 389 -35.72 -5.45 5.13
C ALA A 389 -35.77 -4.94 3.69
N GLU A 390 -34.60 -4.90 3.05
CA GLU A 390 -34.53 -4.52 1.65
C GLU A 390 -35.34 -5.45 0.77
N ARG A 391 -35.20 -6.75 1.00
CA ARG A 391 -35.91 -7.70 0.13
C ARG A 391 -37.41 -7.57 0.34
N ALA A 392 -37.79 -7.17 1.54
CA ALA A 392 -39.24 -7.05 1.82
C ALA A 392 -39.76 -5.73 1.27
N GLY A 393 -38.92 -5.00 0.54
CA GLY A 393 -39.34 -3.78 -0.14
C GLY A 393 -39.34 -2.58 0.79
N GLN A 394 -38.67 -2.70 1.93
CA GLN A 394 -38.71 -1.61 2.89
C GLN A 394 -37.78 -0.44 2.52
N ALA A 395 -36.78 -0.70 1.66
CA ALA A 395 -35.76 0.27 1.32
C ALA A 395 -35.09 -0.09 0.00
N GLU A 396 -34.62 0.92 -0.71
CA GLU A 396 -33.76 0.73 -1.83
C GLU A 396 -32.53 1.58 -1.48
N PHE A 397 -31.37 1.08 -1.91
CA PHE A 397 -30.21 1.84 -1.52
C PHE A 397 -29.61 2.57 -2.71
N PRO A 398 -28.98 3.69 -2.42
CA PRO A 398 -28.29 4.42 -3.51
C PRO A 398 -26.98 3.74 -3.94
N THR A 399 -26.57 4.06 -5.15
CA THR A 399 -25.30 3.64 -5.70
C THR A 399 -24.30 4.79 -5.54
N LEU A 400 -23.03 4.38 -5.35
CA LEU A 400 -22.00 5.38 -5.10
C LEU A 400 -20.71 4.94 -5.76
N SER A 401 -19.97 5.92 -6.31
CA SER A 401 -18.59 5.61 -6.65
C SER A 401 -17.71 6.76 -6.17
N GLY A 402 -16.41 6.47 -6.06
CA GLY A 402 -15.43 7.45 -5.63
C GLY A 402 -14.64 6.97 -4.43
N ASP A 403 -13.89 7.86 -3.79
CA ASP A 403 -13.14 7.49 -2.60
C ASP A 403 -13.46 8.47 -1.48
N PHE A 404 -12.83 8.24 -0.33
CA PHE A 404 -13.07 9.03 0.86
C PHE A 404 -11.77 9.56 1.42
N PHE A 405 -10.98 10.16 0.50
CA PHE A 405 -9.81 10.93 0.85
C PHE A 405 -10.02 12.38 0.37
N THR A 406 -9.40 13.34 1.02
CA THR A 406 -8.62 13.24 2.23
C THR A 406 -9.48 13.52 3.46
N TYR A 407 -9.34 12.65 4.46
CA TYR A 407 -10.13 12.74 5.67
C TYR A 407 -9.77 13.96 6.53
N ALA A 408 -10.82 14.55 7.10
CA ALA A 408 -10.67 15.50 8.19
C ALA A 408 -11.63 15.05 9.30
N ASP A 409 -11.17 14.97 10.54
CA ASP A 409 -12.06 14.63 11.65
C ASP A 409 -12.68 15.87 12.27
N ARG A 410 -12.08 17.05 12.10
CA ARG A 410 -12.64 18.30 12.60
C ARG A 410 -11.95 19.49 11.97
N SER A 411 -12.67 20.61 11.91
CA SER A 411 -12.15 21.89 11.44
C SER A 411 -11.30 21.73 10.18
N ASP A 412 -10.06 22.25 10.19
CA ASP A 412 -9.19 22.13 9.02
C ASP A 412 -8.12 21.06 9.22
N ASN A 413 -8.40 20.12 10.13
CA ASN A 413 -7.40 19.13 10.49
C ASN A 413 -7.53 17.93 9.53
N TYR A 414 -6.90 18.08 8.38
CA TYR A 414 -6.85 17.06 7.32
C TYR A 414 -5.66 16.12 7.53
N TRP A 415 -5.98 14.84 7.40
CA TRP A 415 -4.99 13.82 7.72
C TRP A 415 -4.14 13.49 6.51
N SER A 416 -3.49 14.49 5.91
CA SER A 416 -2.63 14.22 4.74
C SER A 416 -1.16 14.06 5.15
N GLY A 417 -0.83 14.32 6.42
CA GLY A 417 0.53 14.13 6.85
C GLY A 417 1.02 12.70 6.71
N TYR A 418 0.17 11.75 7.07
CA TYR A 418 0.59 10.35 7.11
C TYR A 418 0.77 9.78 5.71
N TYR A 419 0.42 10.54 4.67
CA TYR A 419 0.78 10.07 3.32
C TYR A 419 2.30 10.09 3.11
N THR A 420 3.04 10.76 4.01
CA THR A 420 4.48 10.87 3.88
C THR A 420 5.23 10.44 5.12
N SER A 421 4.65 10.47 6.33
CA SER A 421 5.40 10.22 7.56
C SER A 421 6.18 8.93 7.54
N ARG A 422 7.40 8.97 8.04
CA ARG A 422 8.30 7.80 8.07
C ARG A 422 8.44 7.21 6.66
N PRO A 423 8.95 8.01 5.74
CA PRO A 423 9.05 7.57 4.34
C PRO A 423 10.07 6.47 4.15
N TYR A 424 11.06 6.30 5.01
CA TYR A 424 11.97 5.17 4.83
C TYR A 424 11.21 3.85 4.80
N HIS A 425 10.28 3.76 5.76
CA HIS A 425 9.54 2.49 5.91
C HIS A 425 8.48 2.36 4.83
N LYS A 426 7.93 3.49 4.34
CA LYS A 426 7.05 3.47 3.18
C LYS A 426 7.78 2.90 1.98
N ARG A 427 9.02 3.30 1.76
CA ARG A 427 9.80 2.72 0.65
C ARG A 427 10.12 1.27 0.94
N MET A 428 10.50 0.94 2.18
CA MET A 428 10.79 -0.45 2.48
C MET A 428 9.60 -1.35 2.22
N ASP A 429 8.36 -0.84 2.47
CA ASP A 429 7.18 -1.62 2.17
C ASP A 429 7.18 -2.10 0.72
N ARG A 430 7.53 -1.19 -0.21
CA ARG A 430 7.45 -1.55 -1.61
C ARG A 430 8.57 -2.53 -1.99
N VAL A 431 9.73 -2.35 -1.34
CA VAL A 431 10.82 -3.31 -1.62
C VAL A 431 10.38 -4.69 -1.16
N LEU A 432 9.89 -4.78 0.07
CA LEU A 432 9.51 -6.09 0.61
C LEU A 432 8.35 -6.64 -0.21
N MET A 433 7.43 -5.77 -0.64
CA MET A 433 6.32 -6.23 -1.47
C MET A 433 6.83 -7.07 -2.64
N HIS A 434 7.84 -6.50 -3.32
CA HIS A 434 8.36 -7.18 -4.50
C HIS A 434 9.15 -8.43 -4.11
N TYR A 435 9.94 -8.37 -3.05
CA TYR A 435 10.73 -9.56 -2.62
CA TYR A 435 10.70 -9.59 -2.71
C TYR A 435 9.79 -10.70 -2.22
N VAL A 436 8.67 -10.39 -1.58
CA VAL A 436 7.73 -11.47 -1.25
C VAL A 436 7.19 -12.08 -2.54
N ARG A 437 6.77 -11.23 -3.48
CA ARG A 437 6.26 -11.82 -4.72
C ARG A 437 7.31 -12.70 -5.36
N ALA A 438 8.54 -12.18 -5.45
CA ALA A 438 9.58 -12.92 -6.18
C ALA A 438 9.93 -14.23 -5.48
N ALA A 439 9.98 -14.17 -4.14
CA ALA A 439 10.31 -15.41 -3.41
C ALA A 439 9.21 -16.44 -3.55
N GLU A 440 7.94 -16.00 -3.47
CA GLU A 440 6.86 -16.97 -3.64
C GLU A 440 6.86 -17.54 -5.05
N MET A 441 7.09 -16.70 -6.04
CA MET A 441 7.06 -17.13 -7.45
C MET A 441 8.24 -18.07 -7.73
N LEU A 442 9.45 -17.63 -7.39
CA LEU A 442 10.61 -18.46 -7.71
C LEU A 442 10.53 -19.85 -7.05
N SER A 443 10.01 -19.88 -5.83
CA SER A 443 9.98 -21.17 -5.12
C SER A 443 8.76 -21.99 -5.51
N ALA A 444 7.78 -21.37 -6.14
CA ALA A 444 6.55 -22.11 -6.50
C ALA A 444 6.79 -23.17 -7.59
N TRP A 445 7.83 -23.00 -8.42
CA TRP A 445 8.02 -23.89 -9.55
C TRP A 445 8.26 -25.35 -9.11
N HIS A 446 8.77 -25.53 -7.91
CA HIS A 446 9.02 -26.86 -7.36
C HIS A 446 8.31 -27.09 -6.04
N SER A 447 8.13 -28.37 -5.72
CA SER A 447 7.85 -28.81 -4.37
C SER A 447 9.17 -28.91 -3.63
N TRP A 448 9.18 -28.50 -2.38
CA TRP A 448 10.42 -28.51 -1.61
C TRP A 448 10.28 -29.43 -0.43
N ASP A 449 11.31 -30.21 -0.16
CA ASP A 449 11.33 -31.00 1.05
C ASP A 449 11.18 -30.12 2.28
N GLY A 450 10.53 -30.59 3.33
CA GLY A 450 10.39 -29.78 4.53
C GLY A 450 11.69 -29.30 5.11
N MET A 451 12.81 -29.98 4.88
CA MET A 451 14.08 -29.53 5.47
C MET A 451 14.58 -28.25 4.81
N ALA A 452 14.03 -27.91 3.64
CA ALA A 452 14.43 -26.64 3.02
C ALA A 452 13.83 -25.44 3.74
N ARG A 453 12.80 -25.67 4.55
CA ARG A 453 12.17 -24.61 5.35
C ARG A 453 11.62 -23.47 4.50
N ILE A 454 11.25 -23.79 3.28
CA ILE A 454 10.72 -22.77 2.37
C ILE A 454 9.40 -22.22 2.89
N GLU A 455 8.45 -23.09 3.23
CA GLU A 455 7.16 -22.64 3.72
C GLU A 455 7.34 -21.79 4.98
N GLU A 456 8.25 -22.17 5.86
CA GLU A 456 8.44 -21.40 7.10
C GLU A 456 8.93 -19.99 6.78
N ARG A 457 9.94 -19.89 5.94
CA ARG A 457 10.50 -18.59 5.60
C ARG A 457 9.48 -17.73 4.86
N LEU A 458 8.72 -18.32 3.95
CA LEU A 458 7.71 -17.51 3.23
C LEU A 458 6.60 -17.06 4.17
N GLU A 459 6.18 -17.95 5.10
CA GLU A 459 5.13 -17.52 6.03
C GLU A 459 5.64 -16.36 6.86
N GLN A 460 6.89 -16.43 7.34
CA GLN A 460 7.38 -15.28 8.13
C GLN A 460 7.36 -14.00 7.28
N ALA A 461 7.85 -14.11 6.03
CA ALA A 461 7.91 -12.92 5.20
C ALA A 461 6.53 -12.35 4.94
N ARG A 462 5.56 -13.21 4.62
CA ARG A 462 4.21 -12.70 4.33
C ARG A 462 3.64 -12.05 5.59
N ARG A 463 3.90 -12.67 6.74
CA ARG A 463 3.26 -12.12 7.94
C ARG A 463 3.88 -10.82 8.40
N GLU A 464 5.20 -10.63 8.24
CA GLU A 464 5.76 -9.35 8.66
C GLU A 464 5.34 -8.25 7.71
N LEU A 465 5.28 -8.55 6.41
CA LEU A 465 4.80 -7.52 5.48
C LEU A 465 3.32 -7.23 5.74
N SER A 466 2.55 -8.31 6.01
CA SER A 466 1.13 -8.12 6.29
C SER A 466 0.94 -7.26 7.53
N LEU A 467 1.71 -7.52 8.57
CA LEU A 467 1.57 -6.71 9.80
C LEU A 467 1.80 -5.25 9.50
N PHE A 468 2.77 -4.95 8.65
CA PHE A 468 3.11 -3.56 8.35
C PHE A 468 1.96 -2.86 7.62
N GLN A 469 1.03 -3.58 7.00
CA GLN A 469 -0.08 -2.89 6.33
C GLN A 469 -1.02 -2.27 7.34
N HIS A 470 -0.86 -2.55 8.63
CA HIS A 470 -1.68 -1.92 9.67
C HIS A 470 -1.71 -0.40 9.50
N HIS A 471 -2.81 0.21 9.93
CA HIS A 471 -3.00 1.65 9.81
C HIS A 471 -2.17 2.47 10.81
N ASP A 472 -1.30 1.83 11.60
CA ASP A 472 -0.22 2.57 12.26
C ASP A 472 1.16 2.06 11.80
N GLY A 473 1.21 1.22 10.78
CA GLY A 473 2.50 0.69 10.32
C GLY A 473 2.99 1.55 9.16
N ILE A 474 2.56 1.18 7.96
CA ILE A 474 2.96 1.91 6.75
C ILE A 474 2.63 3.38 6.85
N THR A 475 1.62 3.75 7.62
CA THR A 475 1.23 5.16 7.79
C THR A 475 2.25 6.03 8.48
N GLY A 476 3.21 5.40 9.18
CA GLY A 476 4.20 6.26 9.87
C GLY A 476 3.58 6.95 11.09
N THR A 477 2.56 6.34 11.70
CA THR A 477 1.95 6.99 12.86
C THR A 477 2.22 6.25 14.17
N ALA A 478 3.26 5.41 14.25
CA ALA A 478 3.55 4.70 15.49
C ALA A 478 4.66 5.40 16.26
N LYS A 479 4.77 5.00 17.54
CA LYS A 479 5.86 5.53 18.32
C LYS A 479 7.20 5.08 17.74
N THR A 480 8.25 5.83 18.01
CA THR A 480 9.56 5.49 17.49
C THR A 480 9.99 4.05 17.71
N HIS A 481 9.80 3.56 18.95
CA HIS A 481 10.28 2.18 19.19
C HIS A 481 9.42 1.14 18.46
N VAL A 482 8.21 1.54 18.12
CA VAL A 482 7.33 0.62 17.38
C VAL A 482 7.74 0.61 15.91
N VAL A 483 8.08 1.79 15.40
CA VAL A 483 8.59 1.84 14.04
C VAL A 483 9.84 0.96 13.91
N VAL A 484 10.69 1.00 14.94
CA VAL A 484 11.88 0.14 14.94
C VAL A 484 11.50 -1.32 14.93
N ASP A 485 10.50 -1.72 15.70
CA ASP A 485 10.05 -3.11 15.65
C ASP A 485 9.58 -3.50 14.26
N TYR A 486 8.79 -2.64 13.59
CA TYR A 486 8.32 -2.96 12.26
C TYR A 486 9.50 -3.08 11.30
N GLU A 487 10.50 -2.22 11.43
CA GLU A 487 11.65 -2.25 10.54
C GLU A 487 12.43 -3.53 10.75
N GLN A 488 12.63 -3.92 12.00
CA GLN A 488 13.36 -5.16 12.30
C GLN A 488 12.65 -6.36 11.74
N ARG A 489 11.34 -6.39 11.89
CA ARG A 489 10.54 -7.45 11.33
C ARG A 489 10.66 -7.49 9.82
N MET A 490 10.57 -6.33 9.18
CA MET A 490 10.68 -6.34 7.73
C MET A 490 12.10 -6.73 7.28
N GLN A 491 13.11 -6.41 8.06
CA GLN A 491 14.47 -6.80 7.70
C GLN A 491 14.60 -8.30 7.75
N GLU A 492 13.98 -8.91 8.75
CA GLU A 492 14.03 -10.38 8.82
C GLU A 492 13.27 -10.98 7.66
N ALA A 493 12.16 -10.34 7.30
CA ALA A 493 11.39 -10.81 6.15
C ALA A 493 12.22 -10.73 4.87
N LEU A 494 12.95 -9.63 4.68
CA LEU A 494 13.80 -9.53 3.48
C LEU A 494 14.84 -10.65 3.46
N LYS A 495 15.45 -10.93 4.60
CA LYS A 495 16.43 -12.02 4.67
C LYS A 495 15.80 -13.35 4.33
N ALA A 496 14.58 -13.56 4.79
CA ALA A 496 13.84 -14.79 4.49
C ALA A 496 13.59 -14.89 3.00
N CYS A 497 13.19 -13.77 2.40
CA CYS A 497 12.94 -13.79 0.95
C CYS A 497 14.22 -14.10 0.19
N GLN A 498 15.31 -13.44 0.58
CA GLN A 498 16.57 -13.69 -0.12
C GLN A 498 16.92 -15.18 -0.05
N MET A 499 16.74 -15.75 1.15
CA MET A 499 17.14 -17.16 1.32
C MET A 499 16.36 -18.05 0.37
N VAL A 500 15.05 -17.81 0.35
CA VAL A 500 14.20 -18.64 -0.51
C VAL A 500 14.52 -18.41 -1.97
N MET A 501 14.68 -17.16 -2.35
CA MET A 501 14.99 -16.83 -3.74
C MET A 501 16.30 -17.47 -4.18
N GLN A 502 17.35 -17.38 -3.35
CA GLN A 502 18.65 -17.86 -3.86
C GLN A 502 18.65 -19.39 -3.91
N GLN A 503 18.00 -20.06 -2.94
CA GLN A 503 17.93 -21.53 -3.09
C GLN A 503 17.16 -21.90 -4.35
N SER A 504 16.11 -21.13 -4.64
CA SER A 504 15.31 -21.44 -5.83
C SER A 504 16.08 -21.21 -7.12
N VAL A 505 16.85 -20.13 -7.19
CA VAL A 505 17.67 -19.92 -8.40
C VAL A 505 18.68 -21.06 -8.57
N TYR A 506 19.32 -21.47 -7.48
CA TYR A 506 20.33 -22.55 -7.59
C TYR A 506 19.64 -23.79 -8.13
N ARG A 507 18.41 -24.09 -7.68
CA ARG A 507 17.71 -25.29 -8.20
C ARG A 507 17.24 -25.17 -9.64
N LEU A 508 16.77 -23.99 -10.02
CA LEU A 508 16.22 -23.77 -11.35
C LEU A 508 17.28 -23.72 -12.44
N LEU A 509 18.51 -23.39 -12.02
CA LEU A 509 19.55 -23.21 -13.05
C LEU A 509 20.70 -24.18 -12.88
N THR A 510 20.48 -25.32 -12.21
CA THR A 510 21.59 -26.28 -12.10
C THR A 510 21.12 -27.58 -12.73
N LYS A 511 21.99 -28.19 -13.56
CA LYS A 511 21.62 -29.49 -14.17
C LYS A 511 21.11 -30.45 -13.10
N PRO A 512 19.93 -31.02 -13.30
CA PRO A 512 19.30 -31.81 -12.24
C PRO A 512 20.15 -32.91 -11.67
N SER A 513 20.93 -33.61 -12.52
CA SER A 513 21.70 -34.72 -11.93
C SER A 513 22.97 -34.23 -11.27
N ILE A 514 23.23 -32.93 -11.21
CA ILE A 514 24.35 -32.36 -10.47
C ILE A 514 23.91 -31.59 -9.23
N TYR A 515 22.67 -31.09 -9.28
CA TYR A 515 22.12 -30.30 -8.17
C TYR A 515 22.29 -31.00 -6.83
N SER A 516 23.00 -30.35 -5.90
CA SER A 516 23.31 -30.96 -4.63
C SER A 516 23.20 -29.95 -3.50
N PRO A 517 21.96 -29.59 -3.18
CA PRO A 517 21.77 -28.50 -2.22
C PRO A 517 22.06 -28.89 -0.76
N ASP A 518 22.60 -27.91 -0.06
CA ASP A 518 22.56 -27.79 1.40
C ASP A 518 21.63 -26.61 1.66
N PHE A 519 20.51 -26.86 2.32
CA PHE A 519 19.44 -25.87 2.36
C PHE A 519 19.76 -24.71 3.27
N SER A 520 20.92 -24.77 3.94
CA SER A 520 21.35 -23.68 4.81
C SER A 520 22.36 -22.80 4.06
N PHE A 521 22.84 -23.26 2.92
CA PHE A 521 23.94 -22.59 2.23
C PHE A 521 23.48 -21.36 1.45
N SER A 522 24.38 -20.40 1.25
N SER A 522 24.42 -20.45 1.29
CA SER A 522 24.04 -19.23 0.44
CA SER A 522 24.24 -19.28 0.45
C SER A 522 24.74 -19.33 -0.92
C SER A 522 24.87 -19.53 -0.91
N TYR A 523 24.07 -19.88 -1.91
CA TYR A 523 24.60 -20.02 -3.26
C TYR A 523 24.72 -18.72 -4.01
N PHE A 524 23.78 -17.83 -3.73
CA PHE A 524 23.81 -16.50 -4.31
C PHE A 524 23.52 -15.44 -3.23
N THR A 525 24.00 -14.25 -3.45
CA THR A 525 23.45 -13.12 -2.68
C THR A 525 22.74 -12.17 -3.63
N LEU A 526 21.71 -11.50 -3.16
CA LEU A 526 21.01 -10.48 -3.90
C LEU A 526 21.83 -9.21 -3.94
N ASP A 527 21.78 -8.55 -5.07
CA ASP A 527 22.40 -7.23 -5.20
C ASP A 527 21.25 -6.29 -5.51
N ASP A 528 21.04 -5.28 -4.71
CA ASP A 528 19.95 -4.35 -4.95
C ASP A 528 20.54 -2.95 -4.98
N SER A 529 20.44 -2.33 -6.14
CA SER A 529 21.00 -1.01 -6.35
C SER A 529 20.19 0.11 -5.71
N ARG A 530 18.94 -0.16 -5.34
CA ARG A 530 18.12 0.95 -4.90
C ARG A 530 17.57 0.74 -3.52
N TRP A 531 17.96 -0.31 -2.83
CA TRP A 531 17.48 -0.46 -1.44
C TRP A 531 18.61 -1.08 -0.65
N PRO A 532 19.02 -0.54 0.49
CA PRO A 532 18.59 0.76 1.02
C PRO A 532 19.09 1.92 0.16
N GLY A 533 20.06 1.68 -0.72
CA GLY A 533 20.39 2.72 -1.69
C GLY A 533 21.61 3.50 -1.24
N SER A 534 22.24 4.12 -2.22
CA SER A 534 23.57 4.72 -2.14
C SER A 534 23.61 5.87 -1.16
N GLY A 535 24.32 5.73 -0.05
CA GLY A 535 24.36 6.81 0.92
C GLY A 535 23.28 6.64 1.97
N VAL A 536 22.56 5.52 1.85
CA VAL A 536 21.66 5.02 2.89
C VAL A 536 22.44 3.94 3.67
N GLU A 537 22.97 2.96 2.96
CA GLU A 537 23.86 1.96 3.57
C GLU A 537 24.86 1.44 2.55
N ASP A 538 26.07 1.10 2.98
CA ASP A 538 27.00 0.44 2.07
C ASP A 538 26.77 -1.03 2.23
N SER A 539 25.67 -1.47 1.63
CA SER A 539 25.23 -2.86 1.71
C SER A 539 25.35 -3.50 0.36
N ARG A 540 26.18 -2.97 -0.53
CA ARG A 540 26.39 -3.68 -1.77
C ARG A 540 27.73 -4.41 -1.81
N THR A 541 27.66 -5.65 -2.26
CA THR A 541 28.82 -6.50 -2.47
C THR A 541 29.57 -6.09 -3.73
N THR A 542 30.89 -6.02 -3.63
CA THR A 542 31.70 -5.83 -4.80
C THR A 542 32.12 -7.19 -5.32
N ILE A 543 31.92 -7.42 -6.60
CA ILE A 543 32.45 -8.64 -7.21
C ILE A 543 33.95 -8.49 -7.37
N ILE A 544 34.69 -9.35 -6.68
CA ILE A 544 36.13 -9.21 -6.71
C ILE A 544 36.73 -10.22 -7.68
N LEU A 545 37.35 -9.64 -8.70
CA LEU A 545 37.98 -10.39 -9.77
C LEU A 545 39.43 -9.99 -9.84
N GLY A 546 40.24 -10.90 -10.35
CA GLY A 546 41.67 -10.55 -10.47
C GLY A 546 42.36 -11.75 -11.13
N GLU A 547 43.42 -11.49 -11.88
CA GLU A 547 44.12 -12.59 -12.54
C GLU A 547 44.64 -13.64 -11.57
N ASP A 548 45.02 -13.20 -10.39
CA ASP A 548 45.63 -14.09 -9.41
C ASP A 548 44.61 -14.63 -8.41
N ILE A 549 43.33 -14.40 -8.64
CA ILE A 549 42.34 -14.90 -7.68
C ILE A 549 41.09 -15.51 -8.27
N LEU A 550 40.46 -14.81 -9.20
CA LEU A 550 39.21 -15.25 -9.77
C LEU A 550 38.99 -14.48 -11.06
N PRO A 551 39.03 -15.16 -12.20
CA PRO A 551 38.83 -14.45 -13.46
C PRO A 551 37.42 -14.00 -13.78
N SER A 552 36.39 -14.69 -13.30
CA SER A 552 35.05 -14.37 -13.74
C SER A 552 34.02 -14.75 -12.67
N LYS A 553 32.83 -14.22 -12.89
CA LYS A 553 31.73 -14.40 -11.97
C LYS A 553 30.41 -14.55 -12.69
N HIS A 554 29.62 -15.57 -12.30
CA HIS A 554 28.26 -15.63 -12.83
C HIS A 554 27.29 -14.76 -12.02
N VAL A 555 26.43 -14.12 -12.78
CA VAL A 555 25.32 -13.36 -12.18
C VAL A 555 24.05 -13.81 -12.85
N VAL A 556 22.93 -13.72 -12.12
CA VAL A 556 21.66 -14.19 -12.62
C VAL A 556 20.60 -13.11 -12.36
N MET A 557 19.79 -12.85 -13.38
CA MET A 557 18.67 -11.93 -13.22
C MET A 557 17.35 -12.70 -13.26
N HIS A 558 16.43 -12.31 -12.40
CA HIS A 558 15.07 -12.84 -12.39
C HIS A 558 14.08 -11.76 -12.85
N ASN A 559 13.10 -12.15 -13.62
CA ASN A 559 12.04 -11.27 -14.10
C ASN A 559 10.68 -11.80 -13.65
N THR A 560 10.13 -11.19 -12.58
CA THR A 560 8.85 -11.73 -12.10
C THR A 560 7.66 -11.46 -13.01
N LEU A 561 7.80 -10.55 -13.97
CA LEU A 561 6.70 -10.15 -14.85
C LEU A 561 6.53 -11.19 -15.97
N PRO A 562 5.29 -11.44 -16.37
CA PRO A 562 5.00 -12.45 -17.40
C PRO A 562 5.19 -11.97 -18.84
N HIS A 563 6.26 -11.20 -19.08
CA HIS A 563 6.62 -10.92 -20.46
C HIS A 563 8.14 -10.81 -20.55
N TRP A 564 8.70 -11.03 -21.73
CA TRP A 564 10.16 -10.82 -21.88
C TRP A 564 10.51 -9.40 -21.49
N ARG A 565 11.64 -9.26 -20.80
CA ARG A 565 11.94 -7.92 -20.34
C ARG A 565 13.43 -7.65 -20.49
N GLU A 566 13.74 -6.47 -21.02
CA GLU A 566 15.07 -5.91 -20.98
C GLU A 566 15.16 -4.79 -19.96
N GLN A 567 16.26 -4.74 -19.25
CA GLN A 567 16.46 -3.71 -18.22
C GLN A 567 17.96 -3.60 -18.02
N LEU A 568 18.44 -2.38 -17.95
CA LEU A 568 19.85 -2.27 -17.54
C LEU A 568 19.99 -2.70 -16.07
N VAL A 569 21.06 -3.40 -15.82
CA VAL A 569 21.44 -3.85 -14.46
C VAL A 569 22.87 -3.42 -14.19
N ASP A 570 23.13 -3.13 -12.91
CA ASP A 570 24.50 -2.75 -12.61
C ASP A 570 25.04 -3.56 -11.45
N PHE A 571 26.35 -3.74 -11.47
CA PHE A 571 27.06 -4.45 -10.41
C PHE A 571 28.31 -3.65 -10.05
N TYR A 572 28.74 -3.77 -8.79
CA TYR A 572 30.03 -3.24 -8.40
C TYR A 572 31.12 -4.30 -8.68
N VAL A 573 32.23 -3.87 -9.28
CA VAL A 573 33.30 -4.78 -9.62
C VAL A 573 34.64 -4.14 -9.22
N SER A 574 35.62 -5.03 -8.97
CA SER A 574 36.88 -4.53 -8.43
C SER A 574 37.85 -4.07 -9.50
N SER A 575 37.48 -4.07 -10.76
CA SER A 575 38.30 -3.60 -11.85
C SER A 575 37.44 -2.87 -12.86
N PRO A 576 37.93 -1.85 -13.54
CA PRO A 576 37.14 -1.28 -14.63
C PRO A 576 37.21 -2.12 -15.89
N PHE A 577 38.14 -3.11 -15.87
CA PHE A 577 38.36 -3.84 -17.13
C PHE A 577 37.59 -5.16 -17.09
N VAL A 578 36.27 -5.00 -17.25
CA VAL A 578 35.38 -6.14 -17.14
C VAL A 578 34.51 -6.22 -18.39
N SER A 579 34.34 -7.46 -18.85
CA SER A 579 33.45 -7.62 -19.99
C SER A 579 32.33 -8.61 -19.63
N VAL A 580 31.25 -8.48 -20.36
CA VAL A 580 30.05 -9.30 -20.07
C VAL A 580 29.74 -10.22 -21.24
N THR A 581 29.36 -11.45 -20.90
CA THR A 581 28.91 -12.41 -21.91
C THR A 581 27.59 -13.02 -21.39
N ASP A 582 26.82 -13.50 -22.34
CA ASP A 582 25.65 -14.30 -21.98
C ASP A 582 26.07 -15.76 -21.87
N LEU A 583 25.10 -16.63 -21.65
CA LEU A 583 25.56 -17.99 -21.47
C LEU A 583 25.58 -18.76 -22.77
N ALA A 584 25.67 -18.05 -23.89
CA ALA A 584 26.22 -18.70 -25.10
C ALA A 584 27.56 -18.04 -25.43
N ASN A 585 28.11 -17.34 -24.44
CA ASN A 585 29.39 -16.70 -24.62
C ASN A 585 29.33 -15.59 -25.67
N ASN A 586 28.13 -15.06 -25.91
CA ASN A 586 27.95 -13.92 -26.82
C ASN A 586 28.36 -12.66 -26.04
N PRO A 587 29.19 -11.80 -26.59
CA PRO A 587 29.49 -10.55 -25.91
C PRO A 587 28.22 -9.72 -25.72
N VAL A 588 28.18 -9.03 -24.59
CA VAL A 588 27.09 -8.12 -24.26
C VAL A 588 27.71 -6.74 -24.04
N GLU A 589 27.15 -5.74 -24.74
CA GLU A 589 27.66 -4.40 -24.57
C GLU A 589 27.51 -3.92 -23.13
N ALA A 590 28.54 -3.29 -22.60
CA ALA A 590 28.52 -2.85 -21.21
C ALA A 590 29.13 -1.45 -21.11
N GLN A 591 28.81 -0.79 -20.01
CA GLN A 591 29.38 0.51 -19.69
C GLN A 591 29.91 0.45 -18.25
N VAL A 592 31.10 0.97 -18.06
CA VAL A 592 31.64 1.08 -16.72
C VAL A 592 31.65 2.55 -16.35
N SER A 593 31.22 2.82 -15.13
CA SER A 593 31.17 4.16 -14.57
C SER A 593 31.85 4.10 -13.24
N PRO A 594 32.30 5.23 -12.69
CA PRO A 594 32.82 5.20 -11.33
C PRO A 594 31.72 4.97 -10.30
N VAL A 595 32.17 4.65 -9.08
CA VAL A 595 31.27 4.56 -7.94
C VAL A 595 31.41 5.89 -7.19
N TRP A 596 30.38 6.70 -7.29
CA TRP A 596 30.32 8.02 -6.68
C TRP A 596 29.49 8.00 -5.41
N SER A 597 30.01 8.58 -4.34
CA SER A 597 29.20 8.78 -3.15
C SER A 597 29.31 10.25 -2.75
N TRP A 598 28.23 10.71 -2.15
CA TRP A 598 28.12 12.09 -1.77
C TRP A 598 28.39 12.26 -0.28
N HIS A 599 29.07 13.33 0.05
CA HIS A 599 29.54 13.56 1.40
C HIS A 599 29.24 15.01 1.79
N HIS A 600 28.75 15.18 3.01
CA HIS A 600 28.67 16.55 3.54
C HIS A 600 30.06 16.74 4.16
N ASP A 601 30.83 17.59 3.52
CA ASP A 601 32.16 17.88 3.92
C ASP A 601 32.07 18.99 4.95
N THR A 602 32.10 18.61 6.23
CA THR A 602 31.97 19.56 7.33
C THR A 602 33.16 20.49 7.40
N LEU A 603 34.18 20.23 6.59
CA LEU A 603 35.30 21.15 6.49
C LEU A 603 35.06 22.26 5.48
N THR A 604 34.79 21.91 4.23
CA THR A 604 34.53 22.89 3.19
C THR A 604 33.11 23.43 3.24
N LYS A 605 32.23 22.77 3.99
CA LYS A 605 30.83 23.18 4.05
C LYS A 605 30.16 23.05 2.70
N THR A 606 30.54 22.00 1.99
CA THR A 606 29.91 21.67 0.72
C THR A 606 29.44 20.22 0.73
N ILE A 607 28.45 19.94 -0.09
CA ILE A 607 28.02 18.59 -0.41
C ILE A 607 28.58 18.21 -1.77
N HIS A 608 29.48 17.22 -1.75
CA HIS A 608 30.18 16.92 -2.99
C HIS A 608 30.49 15.44 -3.09
N PRO A 609 30.71 14.96 -4.30
CA PRO A 609 30.93 13.55 -4.53
C PRO A 609 32.40 13.16 -4.50
N GLN A 610 32.58 11.92 -4.04
CA GLN A 610 33.93 11.31 -4.10
C GLN A 610 33.81 10.01 -4.88
N GLY A 611 34.88 9.76 -5.64
CA GLY A 611 34.87 8.57 -6.49
C GLY A 611 35.73 7.51 -5.83
N SER A 612 35.20 6.28 -5.88
CA SER A 612 35.99 5.17 -5.35
C SER A 612 37.22 4.97 -6.22
N THR A 613 38.33 4.57 -5.59
CA THR A 613 39.49 4.16 -6.36
C THR A 613 39.67 2.64 -6.27
N THR A 614 38.76 1.92 -5.62
CA THR A 614 38.90 0.49 -5.37
C THR A 614 37.74 -0.29 -5.97
N LYS A 615 36.66 0.34 -6.41
CA LYS A 615 35.56 -0.41 -7.01
C LYS A 615 34.89 0.45 -8.07
N TYR A 616 34.23 -0.20 -9.04
CA TYR A 616 33.65 0.44 -10.23
C TYR A 616 32.27 -0.13 -10.49
N ARG A 617 31.48 0.55 -11.30
CA ARG A 617 30.16 0.04 -11.62
C ARG A 617 30.15 -0.42 -13.09
N ILE A 618 29.68 -1.65 -13.31
CA ILE A 618 29.46 -2.11 -14.68
C ILE A 618 27.96 -2.26 -14.90
N ILE A 619 27.56 -1.77 -16.06
CA ILE A 619 26.16 -1.73 -16.42
C ILE A 619 25.93 -2.43 -17.74
N PHE A 620 24.88 -3.22 -17.86
CA PHE A 620 24.60 -3.83 -19.16
C PHE A 620 23.12 -4.16 -19.23
N LYS A 621 22.66 -4.39 -20.44
CA LYS A 621 21.25 -4.73 -20.61
C LYS A 621 21.04 -6.23 -20.43
N ALA A 622 20.24 -6.60 -19.42
CA ALA A 622 19.86 -7.99 -19.23
C ALA A 622 18.54 -8.22 -19.96
N ARG A 623 18.43 -9.37 -20.61
CA ARG A 623 17.20 -9.77 -21.30
C ARG A 623 16.73 -11.07 -20.65
N VAL A 624 15.53 -11.03 -20.09
CA VAL A 624 15.10 -12.15 -19.23
C VAL A 624 13.72 -12.64 -19.63
N PRO A 625 13.58 -13.98 -19.67
CA PRO A 625 12.29 -14.54 -20.06
C PRO A 625 11.15 -14.13 -19.11
N PRO A 626 9.92 -14.36 -19.58
CA PRO A 626 8.74 -14.10 -18.73
C PRO A 626 8.85 -14.99 -17.49
N MET A 627 8.66 -14.41 -16.32
CA MET A 627 8.69 -15.20 -15.05
C MET A 627 9.92 -16.10 -15.00
N GLY A 628 11.06 -15.54 -15.49
CA GLY A 628 12.19 -16.42 -15.76
C GLY A 628 13.51 -15.89 -15.23
N LEU A 629 14.58 -16.59 -15.66
CA LEU A 629 15.94 -16.29 -15.22
C LEU A 629 16.93 -16.29 -16.38
N ALA A 630 17.93 -15.41 -16.24
CA ALA A 630 18.95 -15.37 -17.31
C ALA A 630 20.31 -15.16 -16.66
N THR A 631 21.28 -15.96 -17.12
CA THR A 631 22.61 -15.95 -16.54
C THR A 631 23.62 -15.21 -17.40
N TYR A 632 24.46 -14.41 -16.76
CA TYR A 632 25.50 -13.69 -17.49
C TYR A 632 26.82 -13.94 -16.77
N VAL A 633 27.92 -13.64 -17.47
CA VAL A 633 29.24 -13.83 -16.88
C VAL A 633 30.03 -12.53 -16.96
N LEU A 634 30.64 -12.13 -15.87
CA LEU A 634 31.53 -10.97 -15.83
C LEU A 634 32.96 -11.48 -15.81
N THR A 635 33.80 -11.03 -16.76
CA THR A 635 35.16 -11.54 -16.82
C THR A 635 36.14 -10.37 -16.83
N ILE A 636 37.20 -10.50 -16.04
CA ILE A 636 38.20 -9.43 -16.02
C ILE A 636 39.19 -9.63 -17.16
N SER A 637 39.81 -8.51 -17.54
CA SER A 637 40.86 -8.59 -18.57
C SER A 637 41.92 -7.58 -18.17
N ASP A 638 43.05 -7.55 -18.88
CA ASP A 638 44.11 -6.67 -18.38
C ASP A 638 44.00 -5.28 -18.97
N SER A 639 43.10 -5.10 -19.93
CA SER A 639 42.99 -3.72 -20.44
C SER A 639 41.58 -3.54 -20.95
N LYS A 640 41.26 -2.42 -21.57
CA LYS A 640 39.88 -2.21 -22.00
C LYS A 640 39.43 -3.27 -22.97
N PRO A 641 38.34 -3.90 -22.55
CA PRO A 641 37.68 -4.93 -23.35
C PRO A 641 36.94 -4.34 -24.55
N GLU A 642 36.82 -5.11 -25.61
CA GLU A 642 36.18 -4.67 -26.83
C GLU A 642 34.78 -4.11 -26.67
N HIS A 643 33.97 -4.74 -25.82
CA HIS A 643 32.54 -4.44 -25.77
C HIS A 643 32.10 -3.67 -24.53
N THR A 644 33.07 -3.10 -23.85
CA THR A 644 32.87 -2.26 -22.67
C THR A 644 33.36 -0.84 -22.93
N SER A 645 32.44 0.10 -22.71
CA SER A 645 32.81 1.50 -22.81
C SER A 645 32.89 2.14 -21.43
N TYR A 646 33.43 3.34 -21.40
CA TYR A 646 33.62 4.05 -20.14
C TYR A 646 32.93 5.40 -20.16
N ALA A 647 32.19 5.72 -19.10
CA ALA A 647 31.54 7.02 -19.05
C ALA A 647 32.57 8.13 -18.82
N SER A 648 32.22 9.29 -19.36
CA SER A 648 32.95 10.50 -19.03
C SER A 648 32.27 11.11 -17.81
N ASN A 649 33.03 11.92 -17.08
CA ASN A 649 32.52 12.55 -15.88
C ASN A 649 32.94 14.02 -15.84
N LEU A 650 31.99 14.87 -15.52
CA LEU A 650 32.22 16.30 -15.45
C LEU A 650 31.67 16.80 -14.13
N LEU A 651 32.55 17.39 -13.34
CA LEU A 651 32.17 17.98 -12.08
C LEU A 651 32.04 19.49 -12.21
N LEU A 652 30.85 20.00 -12.02
CA LEU A 652 30.59 21.43 -12.14
C LEU A 652 30.49 22.11 -10.79
N ARG A 653 31.47 22.95 -10.51
CA ARG A 653 31.52 23.67 -9.27
C ARG A 653 32.63 24.73 -9.36
N LYS A 654 32.51 25.81 -8.60
CA LYS A 654 33.67 26.70 -8.49
C LYS A 654 34.67 26.06 -7.53
N ASN A 655 35.93 26.45 -7.63
CA ASN A 655 36.99 25.99 -6.72
C ASN A 655 37.10 24.49 -6.71
N PRO A 656 37.24 23.85 -7.86
CA PRO A 656 37.27 22.37 -7.83
C PRO A 656 38.62 21.91 -7.32
N THR A 657 38.58 20.67 -6.89
CA THR A 657 39.82 19.93 -6.62
C THR A 657 39.76 18.60 -7.37
N SER A 658 40.93 17.99 -7.44
CA SER A 658 41.05 16.78 -8.22
C SER A 658 40.17 15.64 -7.68
N LEU A 659 39.89 14.70 -8.59
CA LEU A 659 39.07 13.51 -8.30
C LEU A 659 39.69 12.31 -9.00
N PRO A 660 40.72 11.72 -8.40
CA PRO A 660 41.34 10.53 -9.03
C PRO A 660 40.42 9.34 -8.97
N LEU A 661 40.53 8.38 -9.87
CA LEU A 661 39.58 7.26 -9.84
C LEU A 661 40.28 5.93 -9.96
N GLY A 662 41.42 5.76 -9.28
CA GLY A 662 42.20 4.53 -9.43
C GLY A 662 42.52 4.18 -10.88
N GLN A 663 42.16 2.96 -11.29
CA GLN A 663 42.38 2.51 -12.66
C GLN A 663 41.38 2.98 -13.71
N TYR A 664 40.31 3.64 -13.30
CA TYR A 664 39.32 4.11 -14.25
C TYR A 664 39.96 4.85 -15.42
N PRO A 665 39.76 4.47 -16.67
CA PRO A 665 40.59 4.99 -17.78
C PRO A 665 40.30 6.40 -18.28
N GLU A 666 39.30 7.09 -17.77
CA GLU A 666 38.98 8.41 -18.31
C GLU A 666 39.12 9.44 -17.21
N ASP A 667 39.85 10.53 -17.42
CA ASP A 667 39.97 11.48 -16.33
C ASP A 667 38.72 12.35 -16.13
N VAL A 668 38.41 12.63 -14.87
CA VAL A 668 37.31 13.57 -14.58
C VAL A 668 37.64 14.97 -15.11
N LYS A 669 36.61 15.58 -15.70
CA LYS A 669 36.74 16.96 -16.20
C LYS A 669 36.02 17.89 -15.21
N PHE A 670 36.43 19.15 -15.17
CA PHE A 670 35.87 20.12 -14.25
C PHE A 670 35.40 21.37 -14.99
N GLY A 671 34.47 22.11 -14.40
CA GLY A 671 34.03 23.34 -15.04
C GLY A 671 33.22 24.14 -14.03
N ASP A 672 33.01 25.43 -14.33
CA ASP A 672 32.07 26.20 -13.55
C ASP A 672 30.64 25.76 -13.79
N PRO A 673 29.74 25.96 -12.85
CA PRO A 673 28.32 25.59 -13.10
C PRO A 673 27.80 26.21 -14.39
N ARG A 674 27.01 25.44 -15.13
CA ARG A 674 26.47 25.88 -16.42
C ARG A 674 25.30 24.98 -16.78
N GLU A 675 24.45 25.48 -17.65
CA GLU A 675 23.38 24.65 -18.17
C GLU A 675 23.98 23.55 -19.05
N ILE A 676 23.34 22.40 -19.01
CA ILE A 676 23.83 21.29 -19.81
C ILE A 676 22.66 20.51 -20.38
N SER A 677 22.94 19.79 -21.45
CA SER A 677 21.90 18.96 -22.08
C SER A 677 22.53 17.59 -22.35
N LEU A 678 21.69 16.57 -22.26
CA LEU A 678 22.09 15.19 -22.44
C LEU A 678 21.02 14.41 -23.23
N ARG A 679 21.50 13.45 -24.01
CA ARG A 679 20.63 12.53 -24.73
C ARG A 679 21.27 11.15 -24.72
N VAL A 680 20.54 10.15 -24.22
CA VAL A 680 20.98 8.75 -24.32
C VAL A 680 20.19 8.09 -25.44
N GLY A 681 20.87 7.36 -26.31
CA GLY A 681 20.24 6.57 -27.35
C GLY A 681 19.43 7.48 -28.26
N ASN A 682 18.24 7.03 -28.63
CA ASN A 682 17.37 7.86 -29.46
C ASN A 682 16.29 8.48 -28.63
N GLY A 683 16.51 8.47 -27.32
CA GLY A 683 15.49 8.82 -26.34
C GLY A 683 15.39 10.31 -26.18
N PRO A 684 14.71 10.80 -25.14
CA PRO A 684 14.59 12.26 -25.07
C PRO A 684 15.92 12.95 -24.78
N THR A 685 15.95 14.23 -25.14
CA THR A 685 17.01 15.16 -24.79
C THR A 685 16.56 15.99 -23.59
N LEU A 686 17.31 15.96 -22.51
CA LEU A 686 16.97 16.63 -21.27
C LEU A 686 17.95 17.79 -21.09
N ALA A 687 17.40 18.93 -20.72
CA ALA A 687 18.24 20.09 -20.42
C ALA A 687 18.14 20.42 -18.91
N PHE A 688 19.25 20.82 -18.31
CA PHE A 688 19.40 21.06 -16.88
C PHE A 688 19.90 22.48 -16.61
N SER A 689 19.39 23.05 -15.51
CA SER A 689 19.86 24.35 -15.09
C SER A 689 21.27 24.20 -14.53
N GLU A 690 21.91 25.34 -14.29
CA GLU A 690 23.23 25.31 -13.66
C GLU A 690 23.18 24.78 -12.24
N GLN A 691 22.01 24.63 -11.63
CA GLN A 691 21.98 23.96 -10.33
C GLN A 691 21.64 22.47 -10.46
N GLY A 692 21.71 21.93 -11.66
CA GLY A 692 21.56 20.48 -11.80
C GLY A 692 20.13 19.99 -11.83
N LEU A 693 19.18 20.89 -12.05
CA LEU A 693 17.79 20.47 -12.01
C LEU A 693 17.23 20.51 -13.42
N LEU A 694 16.40 19.53 -13.75
CA LEU A 694 15.72 19.56 -15.02
C LEU A 694 15.01 20.88 -15.29
N LYS A 695 15.14 21.34 -16.55
CA LYS A 695 14.42 22.50 -17.06
C LYS A 695 13.57 22.20 -18.28
N SER A 696 13.98 21.20 -19.08
CA SER A 696 13.13 20.89 -20.23
C SER A 696 13.40 19.49 -20.73
N ILE A 697 12.41 18.97 -21.45
CA ILE A 697 12.45 17.69 -22.14
C ILE A 697 12.08 17.86 -23.60
N GLN A 698 12.91 17.35 -24.49
CA GLN A 698 12.63 17.30 -25.91
C GLN A 698 12.44 15.87 -26.36
N LEU A 699 11.21 15.53 -26.74
CA LEU A 699 10.98 14.12 -26.99
C LEU A 699 11.73 13.61 -28.21
N THR A 700 11.82 14.41 -29.27
CA THR A 700 12.49 13.94 -30.47
C THR A 700 13.35 15.04 -31.06
N GLN A 701 14.26 14.64 -31.93
CA GLN A 701 15.17 15.53 -32.63
C GLN A 701 14.38 16.73 -33.14
N ASP A 702 13.18 16.44 -33.65
CA ASP A 702 12.35 17.41 -34.37
C ASP A 702 11.39 18.23 -33.51
N SER A 703 11.21 17.79 -32.27
CA SER A 703 10.18 18.29 -31.37
C SER A 703 10.66 19.45 -30.52
N PRO A 704 9.74 20.17 -29.88
CA PRO A 704 10.07 21.30 -29.00
C PRO A 704 10.69 20.91 -27.66
N HIS A 705 11.54 21.81 -27.12
CA HIS A 705 11.98 21.56 -25.74
C HIS A 705 10.87 22.02 -24.80
N VAL A 706 10.16 21.09 -24.20
CA VAL A 706 9.00 21.37 -23.37
C VAL A 706 9.43 21.74 -21.96
N PRO A 707 9.06 22.89 -21.42
CA PRO A 707 9.49 23.24 -20.06
C PRO A 707 8.91 22.26 -19.04
N VAL A 708 9.85 21.74 -18.24
CA VAL A 708 9.56 20.80 -17.18
C VAL A 708 10.63 21.09 -16.13
N HIS A 709 10.25 21.81 -15.10
CA HIS A 709 11.23 22.34 -14.15
C HIS A 709 11.09 21.67 -12.78
N PHE A 710 12.12 21.01 -12.29
CA PHE A 710 12.14 20.48 -10.93
C PHE A 710 12.56 21.60 -9.97
N LYS A 711 11.89 21.65 -8.81
CA LYS A 711 12.19 22.63 -7.79
C LYS A 711 11.99 21.99 -6.44
N PHE A 712 12.78 22.27 -5.43
CA PHE A 712 12.55 21.80 -4.07
C PHE A 712 12.13 22.97 -3.21
N LEU A 713 11.07 22.74 -2.45
CA LEU A 713 10.56 23.77 -1.55
C LEU A 713 10.33 23.17 -0.17
N LYS A 714 10.02 24.03 0.81
CA LYS A 714 9.81 23.59 2.16
C LYS A 714 8.51 24.22 2.68
N TYR A 715 7.76 23.40 3.37
CA TYR A 715 6.63 23.84 4.17
C TYR A 715 7.07 23.91 5.64
N GLY A 716 6.48 24.82 6.39
CA GLY A 716 6.71 24.94 7.83
C GLY A 716 5.46 24.55 8.60
N VAL A 717 5.46 24.93 9.86
CA VAL A 717 4.43 24.62 10.83
C VAL A 717 3.92 25.91 11.47
N ARG A 718 2.65 25.94 11.82
CA ARG A 718 2.02 27.11 12.39
C ARG A 718 2.56 27.43 13.78
N SER A 719 2.80 28.71 14.05
CA SER A 719 3.26 29.06 15.39
C SER A 719 2.02 29.27 16.28
N HIS A 720 0.91 29.64 15.62
CA HIS A 720 -0.33 29.82 16.36
C HIS A 720 -1.32 28.78 15.86
N GLY A 721 -1.97 28.10 16.77
CA GLY A 721 -2.99 27.17 16.35
C GLY A 721 -2.46 25.76 16.19
N ASP A 722 -3.05 25.00 15.27
CA ASP A 722 -2.79 23.56 15.38
C ASP A 722 -1.50 23.24 14.63
N ARG A 723 -0.78 22.30 15.22
CA ARG A 723 0.53 21.88 14.76
C ARG A 723 0.44 20.59 13.93
N SER A 724 1.16 20.56 12.83
CA SER A 724 1.39 19.37 12.06
C SER A 724 2.06 18.31 12.91
N GLY A 725 1.76 17.06 12.64
CA GLY A 725 2.43 16.00 13.35
C GLY A 725 2.38 14.77 12.42
N ALA A 726 2.49 13.58 12.98
CA ALA A 726 2.56 12.40 12.10
C ALA A 726 1.32 12.20 11.27
N TYR A 727 0.16 12.62 11.78
CA TYR A 727 -1.08 12.45 11.03
C TYR A 727 -1.43 13.66 10.18
N LEU A 728 -1.37 14.84 10.85
CA LEU A 728 -1.90 16.05 10.21
C LEU A 728 -0.86 16.88 9.48
N PHE A 729 -1.29 17.43 8.35
CA PHE A 729 -0.49 18.37 7.58
C PHE A 729 -1.15 19.74 7.74
N LEU A 730 -0.51 20.63 8.46
CA LEU A 730 -1.09 21.96 8.75
C LEU A 730 -0.06 23.03 8.44
N PRO A 731 0.15 23.23 7.15
CA PRO A 731 1.25 24.14 6.75
C PRO A 731 0.95 25.58 7.16
N ASN A 732 2.02 26.32 7.38
CA ASN A 732 1.90 27.76 7.62
C ASN A 732 2.01 28.45 6.27
N GLY A 733 1.13 28.11 5.35
CA GLY A 733 1.10 28.76 4.06
C GLY A 733 1.82 27.91 3.00
N PRO A 734 1.76 28.38 1.76
CA PRO A 734 2.42 27.70 0.66
C PRO A 734 3.91 27.56 0.91
N ALA A 735 4.48 26.59 0.23
CA ALA A 735 5.88 26.26 0.41
C ALA A 735 6.79 27.40 -0.06
N SER A 736 7.96 27.49 0.56
CA SER A 736 9.01 28.43 0.20
C SER A 736 10.18 27.73 -0.47
N PRO A 737 10.79 28.31 -1.47
CA PRO A 737 11.89 27.60 -2.12
C PRO A 737 13.05 27.31 -1.17
N VAL A 738 13.61 26.10 -1.27
CA VAL A 738 14.87 25.77 -0.61
C VAL A 738 15.95 26.68 -1.19
N GLU A 739 16.69 27.37 -0.34
CA GLU A 739 17.86 28.12 -0.73
C GLU A 739 18.99 27.14 -1.13
N LEU A 740 19.34 27.14 -2.42
CA LEU A 740 20.28 26.12 -2.88
C LEU A 740 21.74 26.51 -2.88
N GLY A 741 22.02 27.82 -2.70
CA GLY A 741 23.38 28.33 -2.84
C GLY A 741 23.95 28.00 -4.22
N GLN A 742 25.18 27.51 -4.27
CA GLN A 742 25.81 27.11 -5.54
C GLN A 742 26.18 25.64 -5.45
N PRO A 743 25.23 24.76 -5.70
CA PRO A 743 25.49 23.35 -5.48
C PRO A 743 26.45 22.72 -6.51
N VAL A 744 27.09 21.64 -6.03
CA VAL A 744 28.02 20.88 -6.85
C VAL A 744 27.22 19.92 -7.73
N VAL A 745 27.42 19.96 -9.02
CA VAL A 745 26.72 19.11 -9.98
C VAL A 745 27.70 18.14 -10.62
N LEU A 746 27.31 16.86 -10.67
CA LEU A 746 28.10 15.83 -11.32
C LEU A 746 27.39 15.25 -12.52
N VAL A 747 28.04 15.33 -13.67
CA VAL A 747 27.47 14.84 -14.91
C VAL A 747 28.25 13.62 -15.35
N THR A 748 27.53 12.51 -15.49
CA THR A 748 28.17 11.30 -16.00
C THR A 748 27.52 10.99 -17.34
N LYS A 749 28.31 10.84 -18.39
CA LYS A 749 27.81 10.63 -19.73
C LYS A 749 28.36 9.32 -20.26
N GLY A 750 27.43 8.41 -20.54
CA GLY A 750 27.77 7.13 -21.10
C GLY A 750 26.87 6.75 -22.25
N LYS A 751 27.34 5.73 -22.97
CA LYS A 751 26.56 5.24 -24.11
C LYS A 751 25.26 4.59 -23.67
N LEU A 752 25.30 3.87 -22.53
CA LEU A 752 24.09 3.18 -22.05
C LEU A 752 23.33 3.95 -20.97
N GLU A 753 24.02 4.78 -20.18
CA GLU A 753 23.41 5.46 -19.04
C GLU A 753 24.18 6.75 -18.78
N SER A 754 23.40 7.83 -18.66
CA SER A 754 23.97 9.12 -18.27
C SER A 754 23.22 9.67 -17.07
N SER A 755 23.79 10.62 -16.36
CA SER A 755 23.05 11.16 -15.22
C SER A 755 23.60 12.53 -14.84
N VAL A 756 22.69 13.24 -14.20
CA VAL A 756 23.06 14.50 -13.56
C VAL A 756 22.70 14.38 -12.09
N SER A 757 23.66 14.58 -11.21
CA SER A 757 23.42 14.49 -9.77
C SER A 757 23.81 15.80 -9.11
N VAL A 758 23.03 16.26 -8.14
CA VAL A 758 23.40 17.50 -7.47
C VAL A 758 23.18 17.38 -5.97
N GLY A 759 24.10 17.91 -5.21
CA GLY A 759 24.02 17.90 -3.76
C GLY A 759 23.30 19.14 -3.29
N LEU A 760 22.00 19.04 -3.09
CA LEU A 760 21.21 20.14 -2.55
C LEU A 760 21.10 20.02 -1.05
N PRO A 761 20.71 21.08 -0.36
CA PRO A 761 20.46 20.92 1.08
C PRO A 761 19.34 19.89 1.29
N SER A 762 19.64 18.91 2.11
CA SER A 762 18.79 17.78 2.47
C SER A 762 18.53 16.80 1.37
N VAL A 763 18.95 17.01 0.12
CA VAL A 763 18.61 16.09 -0.98
C VAL A 763 19.78 15.92 -1.96
N VAL A 764 20.25 14.70 -2.14
CA VAL A 764 21.09 14.46 -3.32
C VAL A 764 20.11 14.03 -4.43
N HIS A 765 19.98 14.90 -5.43
CA HIS A 765 18.95 14.74 -6.46
C HIS A 765 19.59 14.22 -7.73
N GLN A 766 19.06 13.17 -8.32
CA GLN A 766 19.70 12.54 -9.48
C GLN A 766 18.68 12.31 -10.57
N THR A 767 19.08 12.68 -11.76
CA THR A 767 18.28 12.36 -12.95
C THR A 767 19.06 11.39 -13.81
N ILE A 768 18.50 10.23 -14.06
CA ILE A 768 19.19 9.19 -14.77
C ILE A 768 18.50 8.88 -16.09
N MET A 769 19.32 8.78 -17.13
CA MET A 769 18.81 8.57 -18.48
C MET A 769 19.36 7.28 -19.09
N ARG A 770 18.46 6.41 -19.52
CA ARG A 770 18.87 5.16 -20.15
C ARG A 770 18.25 5.00 -21.52
N GLY A 771 17.68 6.07 -22.05
CA GLY A 771 17.19 5.92 -23.43
C GLY A 771 15.71 6.07 -23.49
N GLY A 772 14.98 6.07 -22.40
CA GLY A 772 13.53 6.44 -22.45
C GLY A 772 13.23 7.43 -21.33
N ALA A 773 12.07 7.30 -20.64
CA ALA A 773 11.75 8.24 -19.59
C ALA A 773 12.81 8.23 -18.50
N PRO A 774 13.23 9.38 -18.02
CA PRO A 774 14.26 9.38 -16.98
C PRO A 774 13.79 8.76 -15.70
N GLU A 775 14.78 8.35 -14.90
CA GLU A 775 14.60 7.91 -13.53
C GLU A 775 15.13 9.02 -12.66
N ILE A 776 14.39 9.35 -11.61
CA ILE A 776 14.79 10.32 -10.62
C ILE A 776 15.07 9.57 -9.32
N ARG A 777 16.18 9.85 -8.68
CA ARG A 777 16.46 9.31 -7.37
C ARG A 777 16.80 10.48 -6.44
N ASN A 778 16.12 10.52 -5.29
CA ASN A 778 16.44 11.52 -4.29
C ASN A 778 16.96 10.83 -3.04
N LEU A 779 18.17 11.15 -2.61
CA LEU A 779 18.64 10.65 -1.33
C LEU A 779 18.28 11.74 -0.34
N VAL A 780 17.23 11.51 0.45
CA VAL A 780 16.68 12.58 1.25
C VAL A 780 17.09 12.43 2.71
N ASP A 781 17.82 13.46 3.18
CA ASP A 781 18.26 13.46 4.58
C ASP A 781 17.92 14.80 5.18
N ILE A 782 16.78 14.88 5.81
CA ILE A 782 16.27 16.13 6.37
C ILE A 782 17.03 16.55 7.59
N GLY A 783 17.93 15.68 8.07
CA GLY A 783 18.87 16.11 9.14
C GLY A 783 18.16 16.64 10.35
N SER A 784 18.58 17.78 10.89
CA SER A 784 17.93 18.31 12.09
C SER A 784 17.03 19.50 11.77
N LEU A 785 16.50 19.55 10.53
CA LEU A 785 15.59 20.64 10.17
C LEU A 785 14.22 20.52 10.81
N ASP A 786 14.07 21.06 12.00
CA ASP A 786 12.77 20.75 12.62
C ASP A 786 11.66 21.56 11.96
N ASN A 787 10.49 21.00 12.16
CA ASN A 787 9.26 21.61 11.65
C ASN A 787 9.38 22.00 10.18
N THR A 788 9.85 21.05 9.38
CA THR A 788 10.07 21.28 7.98
C THR A 788 9.54 20.08 7.20
N GLU A 789 8.85 20.36 6.09
CA GLU A 789 8.45 19.31 5.17
C GLU A 789 9.07 19.66 3.84
N ILE A 790 9.85 18.76 3.25
CA ILE A 790 10.51 19.03 1.99
C ILE A 790 9.68 18.49 0.85
N VAL A 791 9.34 19.35 -0.10
CA VAL A 791 8.51 18.91 -1.24
C VAL A 791 9.31 19.02 -2.52
N MET A 792 9.09 18.09 -3.44
CA MET A 792 9.65 18.17 -4.79
C MET A 792 8.52 18.60 -5.71
N ARG A 793 8.69 19.68 -6.44
CA ARG A 793 7.64 20.16 -7.33
C ARG A 793 8.16 20.14 -8.78
N LEU A 794 7.25 19.86 -9.67
CA LEU A 794 7.42 19.99 -11.10
C LEU A 794 6.56 21.12 -11.63
N GLU A 795 7.18 22.03 -12.39
CA GLU A 795 6.45 23.15 -12.97
C GLU A 795 6.44 23.00 -14.49
N THR A 796 5.26 23.08 -15.11
CA THR A 796 5.13 22.88 -16.56
C THR A 796 4.14 23.91 -17.14
N HIS A 797 4.00 23.90 -18.44
CA HIS A 797 3.03 24.71 -19.17
C HIS A 797 1.78 23.93 -19.54
N ILE A 798 1.68 22.77 -18.90
CA ILE A 798 0.48 21.97 -19.22
C ILE A 798 -0.73 22.64 -18.63
N ASP A 799 -1.74 22.83 -19.49
CA ASP A 799 -2.94 23.57 -19.08
C ASP A 799 -3.96 22.68 -18.37
N SER A 800 -3.55 22.19 -17.20
CA SER A 800 -4.30 21.21 -16.46
C SER A 800 -5.40 21.89 -15.66
N GLY A 801 -5.32 23.18 -15.38
CA GLY A 801 -6.36 23.85 -14.65
C GLY A 801 -6.37 23.43 -13.21
N ASP A 802 -7.50 22.87 -12.78
CA ASP A 802 -7.62 22.38 -11.41
C ASP A 802 -7.69 20.84 -11.37
N ILE A 803 -7.40 20.17 -12.49
CA ILE A 803 -7.50 18.73 -12.51
C ILE A 803 -6.15 18.05 -12.44
N PHE A 804 -6.12 16.93 -11.71
CA PHE A 804 -4.92 16.08 -11.72
C PHE A 804 -5.42 14.68 -11.37
N TYR A 805 -4.50 13.72 -11.49
CA TYR A 805 -4.87 12.34 -11.26
C TYR A 805 -3.88 11.73 -10.29
N THR A 806 -4.39 10.93 -9.37
CA THR A 806 -3.51 10.18 -8.45
C THR A 806 -4.02 8.75 -8.41
N ASP A 807 -3.13 7.82 -8.00
CA ASP A 807 -3.63 6.43 -7.94
C ASP A 807 -4.16 6.08 -6.55
N LEU A 808 -4.93 4.98 -6.58
CA LEU A 808 -5.41 4.38 -5.34
C LEU A 808 -4.81 3.00 -5.26
N ASN A 809 -3.94 2.81 -4.29
CA ASN A 809 -3.35 1.51 -3.96
C ASN A 809 -2.66 0.85 -5.15
N GLY A 810 -2.17 1.64 -6.09
CA GLY A 810 -1.44 0.99 -7.19
C GLY A 810 -2.37 0.29 -8.16
N LEU A 811 -3.68 0.47 -8.00
CA LEU A 811 -4.66 -0.29 -8.77
C LEU A 811 -5.35 0.53 -9.84
N GLN A 812 -5.64 1.78 -9.55
CA GLN A 812 -6.49 2.60 -10.45
C GLN A 812 -6.08 4.05 -10.28
N PHE A 813 -6.32 4.86 -11.30
CA PHE A 813 -6.08 6.29 -11.23
C PHE A 813 -7.44 7.01 -11.16
N ILE A 814 -7.54 7.91 -10.20
CA ILE A 814 -8.79 8.63 -9.95
C ILE A 814 -8.54 10.10 -10.24
N LYS A 815 -9.56 10.72 -10.88
CA LYS A 815 -9.51 12.16 -11.11
C LYS A 815 -9.70 12.93 -9.82
N ARG A 816 -8.80 13.92 -9.64
CA ARG A 816 -8.85 14.85 -8.52
C ARG A 816 -9.16 16.25 -9.07
N ARG A 817 -9.86 17.00 -8.26
CA ARG A 817 -10.02 18.44 -8.59
C ARG A 817 -9.56 19.25 -7.41
N ARG A 818 -8.57 20.11 -7.63
CA ARG A 818 -8.12 21.03 -6.61
C ARG A 818 -9.27 21.97 -6.32
N LEU A 819 -9.60 22.15 -5.05
CA LEU A 819 -10.72 23.00 -4.69
C LEU A 819 -10.23 24.17 -3.85
N ASP A 820 -10.42 25.39 -4.35
CA ASP A 820 -9.87 26.50 -3.54
C ASP A 820 -10.76 26.77 -2.32
N LYS A 821 -11.96 26.20 -2.28
CA LYS A 821 -12.79 26.29 -1.06
C LYS A 821 -12.26 25.41 0.07
N LEU A 822 -11.25 24.58 -0.24
CA LEU A 822 -10.57 23.74 0.77
C LEU A 822 -9.15 24.25 0.99
N PRO A 823 -8.63 24.06 2.21
CA PRO A 823 -7.26 24.52 2.45
C PRO A 823 -6.23 23.62 1.76
N LEU A 824 -5.00 24.11 1.68
CA LEU A 824 -3.94 23.45 0.93
C LEU A 824 -3.87 21.95 1.30
N GLN A 825 -3.85 21.68 2.59
CA GLN A 825 -3.65 20.30 3.06
C GLN A 825 -4.80 19.37 2.68
N ALA A 826 -5.95 19.92 2.35
CA ALA A 826 -7.09 19.09 1.91
C ALA A 826 -6.92 18.70 0.44
N ASN A 827 -6.05 19.46 -0.26
CA ASN A 827 -5.86 19.18 -1.69
C ASN A 827 -4.68 18.23 -1.88
N TYR A 828 -4.13 17.76 -0.78
CA TYR A 828 -3.13 16.70 -0.78
C TYR A 828 -3.84 15.35 -0.78
N TYR A 829 -3.33 14.44 -1.59
CA TYR A 829 -3.87 13.08 -1.73
C TYR A 829 -2.72 12.08 -1.61
N PRO A 830 -3.08 10.84 -1.33
CA PRO A 830 -2.03 9.82 -1.35
C PRO A 830 -1.52 9.65 -2.76
N ILE A 831 -0.22 9.43 -2.91
CA ILE A 831 0.42 9.10 -4.18
C ILE A 831 1.08 7.74 -4.00
N PRO A 832 0.26 6.70 -3.98
CA PRO A 832 0.82 5.39 -3.65
C PRO A 832 1.72 4.83 -4.75
N SER A 833 1.50 5.18 -6.01
CA SER A 833 2.36 4.73 -7.10
C SER A 833 2.50 5.73 -8.25
N GLY A 834 1.64 6.73 -8.30
CA GLY A 834 1.80 7.68 -9.39
C GLY A 834 0.79 8.79 -9.45
N MET A 835 1.12 9.81 -10.25
CA MET A 835 0.19 10.94 -10.41
C MET A 835 0.46 11.55 -11.78
N PHE A 836 -0.53 12.24 -12.31
CA PHE A 836 -0.26 12.91 -13.60
C PHE A 836 -1.17 14.13 -13.75
N ILE A 837 -0.71 15.00 -14.64
CA ILE A 837 -1.53 16.11 -15.11
C ILE A 837 -1.50 16.08 -16.65
N GLU A 838 -2.56 16.63 -17.24
CA GLU A 838 -2.64 16.65 -18.69
C GLU A 838 -3.52 17.79 -19.19
N ASP A 839 -3.27 18.10 -20.46
CA ASP A 839 -4.23 18.97 -21.17
C ASP A 839 -4.61 18.24 -22.45
N ALA A 840 -5.14 18.96 -23.44
CA ALA A 840 -5.52 18.26 -24.67
C ALA A 840 -4.34 17.58 -25.33
N ASN A 841 -3.15 18.13 -25.16
CA ASN A 841 -2.06 17.67 -25.99
C ASN A 841 -0.94 16.95 -25.26
N THR A 842 -0.75 17.30 -24.00
CA THR A 842 0.44 16.88 -23.27
C THR A 842 0.09 16.29 -21.91
N ARG A 843 0.81 15.25 -21.55
CA ARG A 843 0.67 14.68 -20.20
C ARG A 843 2.06 14.57 -19.56
N LEU A 844 2.09 14.82 -18.25
CA LEU A 844 3.28 14.51 -17.46
C LEU A 844 2.88 13.58 -16.33
N THR A 845 3.54 12.42 -16.31
CA THR A 845 3.25 11.39 -15.33
C THR A 845 4.51 11.17 -14.48
N LEU A 846 4.30 11.20 -13.17
CA LEU A 846 5.37 10.88 -12.21
C LEU A 846 5.01 9.57 -11.51
N LEU A 847 5.82 8.55 -11.77
CA LEU A 847 5.62 7.26 -11.11
C LEU A 847 6.53 7.21 -9.88
N THR A 848 6.05 6.53 -8.82
CA THR A 848 6.85 6.46 -7.60
C THR A 848 7.14 5.02 -7.18
N GLY A 849 8.29 4.88 -6.53
CA GLY A 849 8.65 3.60 -5.93
C GLY A 849 8.32 3.48 -4.46
N GLN A 850 7.52 4.42 -3.97
CA GLN A 850 7.14 4.50 -2.55
C GLN A 850 5.93 5.41 -2.45
N PRO A 851 5.03 5.10 -1.50
CA PRO A 851 3.87 6.00 -1.32
C PRO A 851 4.33 7.27 -0.61
N LEU A 852 3.84 8.41 -1.17
CA LEU A 852 4.13 9.70 -0.57
C LEU A 852 2.87 10.57 -0.74
N GLY A 853 2.81 11.74 -0.11
CA GLY A 853 1.68 12.62 -0.31
C GLY A 853 1.97 13.61 -1.41
N GLY A 854 0.91 14.05 -2.12
CA GLY A 854 1.21 15.03 -3.18
C GLY A 854 -0.06 15.68 -3.68
N SER A 855 0.16 16.59 -4.63
CA SER A 855 -0.95 17.38 -5.14
C SER A 855 -0.55 18.06 -6.43
N SER A 856 -1.51 18.78 -6.99
CA SER A 856 -1.25 19.79 -8.04
C SER A 856 -1.89 21.09 -7.53
N LEU A 857 -1.06 22.00 -6.99
CA LEU A 857 -1.61 23.16 -6.31
C LEU A 857 -1.83 24.31 -7.27
N ALA A 858 -1.38 24.15 -8.51
CA ALA A 858 -1.63 25.18 -9.51
C ALA A 858 -1.60 24.49 -10.85
N SER A 859 -2.30 25.06 -11.81
CA SER A 859 -2.26 24.55 -13.16
C SER A 859 -0.83 24.27 -13.60
N GLY A 860 -0.59 23.12 -14.22
CA GLY A 860 0.74 22.83 -14.75
C GLY A 860 1.69 22.25 -13.72
N GLU A 861 1.30 22.12 -12.45
CA GLU A 861 2.22 21.64 -11.43
C GLU A 861 1.88 20.23 -10.94
N LEU A 862 2.92 19.54 -10.52
CA LEU A 862 2.79 18.33 -9.70
C LEU A 862 3.70 18.49 -8.50
N GLU A 863 3.39 17.98 -7.35
CA GLU A 863 4.36 18.02 -6.26
C GLU A 863 4.14 16.81 -5.38
N ILE A 864 5.25 16.43 -4.75
CA ILE A 864 5.19 15.20 -3.92
C ILE A 864 6.13 15.40 -2.73
N MET A 865 5.62 15.16 -1.54
CA MET A 865 6.44 15.37 -0.35
C MET A 865 7.51 14.30 -0.19
N GLN A 866 8.70 14.72 0.21
CA GLN A 866 9.83 13.80 0.35
C GLN A 866 10.06 13.30 1.77
N ASP A 867 9.95 14.22 2.74
CA ASP A 867 10.09 13.84 4.13
C ASP A 867 9.54 15.00 4.95
N ARG A 868 9.30 14.71 6.21
CA ARG A 868 8.77 15.72 7.12
C ARG A 868 9.29 15.44 8.53
N ARG A 869 9.71 16.53 9.18
CA ARG A 869 10.29 16.39 10.54
C ARG A 869 9.53 17.37 11.41
N LEU A 870 8.87 16.87 12.42
CA LEU A 870 7.89 17.69 13.16
C LEU A 870 8.14 17.60 14.66
N ALA A 871 8.36 18.76 15.27
CA ALA A 871 8.69 18.75 16.70
C ALA A 871 7.52 18.46 17.63
N SER A 872 6.31 18.64 17.11
CA SER A 872 5.14 18.59 17.99
C SER A 872 4.26 17.40 17.72
N ASP A 873 3.51 17.04 18.75
CA ASP A 873 2.41 16.11 18.69
C ASP A 873 1.17 16.79 18.10
N ASP A 874 0.39 16.01 17.35
CA ASP A 874 -0.78 16.61 16.68
C ASP A 874 -2.09 16.13 17.30
N GLU A 875 -2.07 15.76 18.58
CA GLU A 875 -3.29 15.60 19.34
C GLU A 875 -4.16 14.44 18.83
N ARG A 876 -3.51 13.44 18.22
CA ARG A 876 -4.24 12.24 17.80
C ARG A 876 -3.81 11.00 18.55
N GLY A 877 -3.11 11.18 19.67
CA GLY A 877 -2.84 10.08 20.59
C GLY A 877 -1.41 9.53 20.52
N LEU A 878 -0.64 9.97 19.55
CA LEU A 878 0.71 9.39 19.42
C LEU A 878 1.63 9.85 20.54
N GLY A 879 1.48 11.10 20.96
CA GLY A 879 2.24 11.63 22.06
C GLY A 879 3.71 11.86 21.73
N GLN A 880 4.01 12.08 20.45
CA GLN A 880 5.33 12.47 20.02
C GLN A 880 5.23 13.16 18.66
N GLY A 881 6.26 13.93 18.33
CA GLY A 881 6.43 14.45 17.00
C GLY A 881 7.04 13.35 16.14
N VAL A 882 7.62 13.79 15.03
CA VAL A 882 8.33 12.95 14.08
C VAL A 882 9.75 13.49 13.94
N LEU A 883 10.62 12.92 14.77
CA LEU A 883 12.02 13.38 14.89
C LEU A 883 12.99 12.23 14.75
N ASP A 884 12.56 11.15 14.14
CA ASP A 884 13.37 9.95 13.96
C ASP A 884 13.69 9.70 12.48
N ASN A 885 13.70 10.76 11.68
CA ASN A 885 14.03 10.65 10.28
C ASN A 885 15.39 10.00 10.08
N LYS A 886 15.48 9.32 8.95
CA LYS A 886 16.75 8.75 8.52
C LYS A 886 16.80 8.82 6.99
N PRO A 887 18.01 8.84 6.44
CA PRO A 887 18.15 8.95 5.00
C PRO A 887 17.39 7.87 4.26
N VAL A 888 16.67 8.33 3.21
CA VAL A 888 15.85 7.43 2.40
C VAL A 888 16.12 7.75 0.95
N LEU A 889 16.24 6.71 0.12
CA LEU A 889 16.40 6.89 -1.32
C LEU A 889 15.04 6.71 -1.99
N HIS A 890 14.41 7.80 -2.39
CA HIS A 890 13.14 7.79 -3.11
C HIS A 890 13.43 7.63 -4.60
N ILE A 891 12.61 6.84 -5.28
CA ILE A 891 12.82 6.61 -6.70
C ILE A 891 11.55 6.92 -7.47
N TYR A 892 11.75 7.40 -8.72
CA TYR A 892 10.68 7.84 -9.58
C TYR A 892 10.99 7.59 -11.04
N ARG A 893 9.95 7.60 -11.86
CA ARG A 893 10.15 7.75 -13.30
C ARG A 893 9.30 8.96 -13.71
N LEU A 894 9.83 9.71 -14.69
CA LEU A 894 9.14 10.90 -15.15
C LEU A 894 8.82 10.75 -16.63
N VAL A 895 7.54 10.68 -16.99
CA VAL A 895 7.15 10.40 -18.35
C VAL A 895 6.38 11.57 -18.94
N LEU A 896 6.98 12.28 -19.85
CA LEU A 896 6.34 13.31 -20.64
C LEU A 896 5.86 12.72 -21.94
N GLU A 897 4.59 12.91 -22.29
CA GLU A 897 4.05 12.30 -23.49
C GLU A 897 3.09 13.24 -24.23
N LYS A 898 3.00 13.06 -25.54
CA LYS A 898 1.96 13.67 -26.33
C LYS A 898 0.73 12.79 -26.21
N VAL A 899 -0.41 13.39 -25.91
CA VAL A 899 -1.60 12.54 -25.70
C VAL A 899 -2.77 12.99 -26.56
N ASN A 900 -2.53 13.91 -27.50
CA ASN A 900 -3.66 14.38 -28.29
C ASN A 900 -4.28 13.29 -29.16
N ASN A 901 -3.56 12.21 -29.48
CA ASN A 901 -4.16 11.13 -30.25
C ASN A 901 -4.73 10.03 -29.37
N CYS A 902 -4.63 10.12 -28.06
CA CYS A 902 -5.10 9.04 -27.20
C CYS A 902 -6.62 9.11 -27.02
N VAL A 903 -7.18 7.92 -26.97
CA VAL A 903 -8.60 7.84 -26.63
C VAL A 903 -8.74 7.85 -25.10
N ARG A 904 -9.19 8.99 -24.62
CA ARG A 904 -9.34 9.22 -23.20
C ARG A 904 -10.81 9.23 -22.81
N PRO A 905 -11.07 9.04 -21.52
CA PRO A 905 -12.44 9.18 -21.02
C PRO A 905 -12.96 10.58 -21.26
N SER A 906 -14.28 10.69 -21.31
CA SER A 906 -14.93 11.99 -21.39
C SER A 906 -14.67 12.87 -20.18
N LYS A 907 -14.97 14.15 -20.31
CA LYS A 907 -14.77 15.10 -19.22
C LYS A 907 -15.50 14.72 -17.95
N LEU A 908 -16.61 14.01 -18.06
CA LEU A 908 -17.38 13.64 -16.89
C LEU A 908 -16.94 12.34 -16.23
N HIS A 909 -15.96 11.65 -16.83
CA HIS A 909 -15.58 10.34 -16.30
C HIS A 909 -14.69 10.50 -15.08
N PRO A 910 -14.93 9.79 -14.00
CA PRO A 910 -14.08 9.97 -12.79
C PRO A 910 -12.73 9.27 -12.85
N ALA A 911 -12.37 8.50 -13.86
CA ALA A 911 -11.11 7.78 -13.88
C ALA A 911 -10.15 8.38 -14.90
N GLY A 912 -8.89 8.01 -14.73
CA GLY A 912 -7.89 8.17 -15.78
C GLY A 912 -7.09 6.91 -15.92
N TYR A 913 -6.31 6.79 -16.98
CA TYR A 913 -5.57 5.58 -17.30
C TYR A 913 -4.19 5.93 -17.82
N LEU A 914 -3.22 5.10 -17.41
CA LEU A 914 -1.87 5.29 -17.88
C LEU A 914 -1.73 4.87 -19.36
N THR A 915 -0.67 5.39 -19.96
CA THR A 915 -0.15 4.89 -21.23
C THR A 915 0.73 3.68 -20.99
N SER A 916 0.99 2.94 -22.06
CA SER A 916 1.93 1.81 -21.98
C SER A 916 3.25 2.25 -21.36
N ALA A 917 3.82 3.36 -21.82
CA ALA A 917 5.14 3.77 -21.33
C ALA A 917 5.12 4.05 -19.85
N ALA A 918 4.02 4.65 -19.38
CA ALA A 918 3.96 5.03 -17.95
C ALA A 918 3.73 3.81 -17.08
N HIS A 919 2.92 2.86 -17.57
CA HIS A 919 2.70 1.61 -16.84
C HIS A 919 4.01 0.84 -16.75
N LYS A 920 4.74 0.73 -17.88
CA LYS A 920 6.01 0.02 -17.83
C LYS A 920 6.98 0.75 -16.90
N ALA A 921 6.95 2.06 -16.90
CA ALA A 921 7.84 2.76 -16.00
C ALA A 921 7.49 2.46 -14.53
N SER A 922 6.17 2.40 -14.25
CA SER A 922 5.79 2.03 -12.87
C SER A 922 6.28 0.62 -12.53
N GLN A 923 6.13 -0.31 -13.47
CA GLN A 923 6.61 -1.68 -13.21
C GLN A 923 8.12 -1.70 -12.99
N SER A 924 8.84 -0.79 -13.65
CA SER A 924 10.30 -0.79 -13.51
C SER A 924 10.72 -0.36 -12.10
N LEU A 925 9.85 0.37 -11.44
CA LEU A 925 10.10 0.82 -10.06
C LEU A 925 9.65 -0.22 -9.04
N LEU A 926 8.46 -0.80 -9.26
CA LEU A 926 7.94 -1.70 -8.23
C LEU A 926 8.41 -3.13 -8.38
N ASP A 927 8.61 -3.60 -9.61
CA ASP A 927 9.06 -4.97 -9.78
C ASP A 927 10.22 -5.02 -10.77
N PRO A 928 11.36 -4.48 -10.35
CA PRO A 928 12.55 -4.50 -11.22
C PRO A 928 13.06 -5.93 -11.36
N LEU A 929 14.03 -6.15 -12.24
CA LEU A 929 14.75 -7.42 -12.25
C LEU A 929 15.43 -7.61 -10.90
N ASP A 930 15.44 -8.86 -10.43
CA ASP A 930 16.24 -9.22 -9.26
C ASP A 930 17.63 -9.64 -9.74
N LYS A 931 18.65 -9.28 -8.99
CA LYS A 931 20.01 -9.60 -9.36
C LYS A 931 20.67 -10.49 -8.32
N PHE A 932 21.28 -11.58 -8.75
CA PHE A 932 21.94 -12.55 -7.89
C PHE A 932 23.40 -12.72 -8.32
N ILE A 933 24.27 -12.76 -7.32
CA ILE A 933 25.70 -12.96 -7.58
C ILE A 933 26.09 -14.32 -7.03
N PHE A 934 26.66 -15.19 -7.88
CA PHE A 934 27.05 -16.52 -7.34
C PHE A 934 28.11 -16.34 -6.28
N ALA A 935 27.91 -17.04 -5.14
CA ALA A 935 28.74 -16.68 -3.99
C ALA A 935 30.06 -17.42 -3.94
N GLU A 936 30.22 -18.54 -4.62
CA GLU A 936 31.51 -19.24 -4.58
C GLU A 936 32.25 -19.10 -5.89
N ASN A 937 33.43 -19.72 -5.99
CA ASN A 937 34.21 -19.48 -7.21
C ASN A 937 33.68 -20.16 -8.46
N GLU A 938 33.15 -21.37 -8.31
CA GLU A 938 32.68 -22.14 -9.48
C GLU A 938 31.29 -22.72 -9.24
N TRP A 939 30.42 -22.44 -10.20
CA TRP A 939 29.09 -23.02 -10.19
C TRP A 939 29.08 -24.21 -11.12
N ILE A 940 29.17 -25.44 -10.58
CA ILE A 940 29.16 -26.55 -11.54
C ILE A 940 27.76 -26.92 -11.98
N GLY A 941 27.55 -27.21 -13.26
CA GLY A 941 26.22 -27.57 -13.71
C GLY A 941 25.33 -26.37 -14.03
N ALA A 942 25.92 -25.17 -14.00
CA ALA A 942 25.16 -23.94 -14.28
C ALA A 942 24.49 -23.98 -15.65
N GLN A 943 23.29 -23.47 -15.70
CA GLN A 943 22.48 -23.31 -16.88
C GLN A 943 22.25 -21.84 -17.22
N GLY A 944 21.99 -21.54 -18.49
CA GLY A 944 21.94 -20.21 -19.06
C GLY A 944 20.61 -19.49 -18.85
N GLN A 945 19.53 -20.25 -18.79
CA GLN A 945 18.21 -19.61 -18.80
C GLN A 945 17.19 -20.54 -18.17
N PHE A 946 16.16 -19.93 -17.61
CA PHE A 946 14.96 -20.63 -17.16
C PHE A 946 13.73 -19.86 -17.63
N GLY A 947 12.74 -20.57 -18.17
CA GLY A 947 11.53 -19.87 -18.52
C GLY A 947 11.45 -19.41 -19.96
N GLY A 948 12.42 -19.80 -20.82
CA GLY A 948 12.34 -19.36 -22.21
C GLY A 948 11.08 -19.80 -22.94
N ASP A 949 10.43 -20.87 -22.47
CA ASP A 949 9.18 -21.32 -23.07
C ASP A 949 7.95 -20.81 -22.32
N HIS A 950 8.13 -19.92 -21.35
CA HIS A 950 6.97 -19.32 -20.72
C HIS A 950 6.27 -18.35 -21.66
N PRO A 951 4.95 -18.31 -21.73
CA PRO A 951 4.29 -17.35 -22.63
C PRO A 951 4.59 -15.90 -22.29
N SER A 952 4.73 -15.05 -23.28
CA SER A 952 5.00 -13.62 -23.03
C SER A 952 3.67 -12.90 -23.25
N ALA A 953 3.03 -12.59 -22.12
CA ALA A 953 1.67 -12.08 -22.13
C ALA A 953 1.59 -10.62 -22.54
N ARG A 954 0.40 -10.21 -22.99
CA ARG A 954 0.18 -8.83 -23.35
C ARG A 954 0.57 -7.91 -22.21
N GLU A 955 1.05 -6.74 -22.56
CA GLU A 955 1.71 -5.88 -21.58
C GLU A 955 0.80 -5.41 -20.47
N ASP A 956 -0.50 -5.43 -20.66
CA ASP A 956 -1.36 -4.95 -19.59
C ASP A 956 -1.74 -6.05 -18.59
N LEU A 957 -1.25 -7.27 -18.83
CA LEU A 957 -1.57 -8.38 -17.92
C LEU A 957 -0.39 -8.66 -17.00
N ASP A 958 -0.71 -8.92 -15.72
CA ASP A 958 0.33 -9.31 -14.77
C ASP A 958 -0.09 -10.55 -14.00
N VAL A 959 0.88 -11.34 -13.66
CA VAL A 959 0.70 -12.43 -12.68
C VAL A 959 1.11 -11.82 -11.36
N SER A 960 0.14 -11.22 -10.70
CA SER A 960 0.39 -10.49 -9.47
C SER A 960 0.92 -11.39 -8.36
N VAL A 961 0.38 -12.59 -8.32
CA VAL A 961 0.75 -13.60 -7.34
C VAL A 961 0.91 -14.95 -8.05
N MET A 962 1.99 -15.64 -7.71
CA MET A 962 2.09 -17.07 -7.96
C MET A 962 2.51 -17.69 -6.63
N ARG A 963 1.71 -18.60 -6.11
CA ARG A 963 1.99 -19.20 -4.81
C ARG A 963 1.62 -20.68 -4.81
N ARG A 964 2.58 -21.55 -4.50
CA ARG A 964 2.20 -22.98 -4.31
C ARG A 964 1.46 -23.06 -3.01
N LEU A 965 0.33 -23.75 -3.00
CA LEU A 965 -0.57 -23.76 -1.84
C LEU A 965 -0.46 -25.04 -1.01
N THR A 966 0.30 -26.01 -1.55
CA THR A 966 0.43 -27.31 -0.90
C THR A 966 1.88 -27.61 -0.52
N LYS A 967 2.06 -28.29 0.60
CA LYS A 967 3.35 -28.84 1.00
C LYS A 967 3.66 -30.11 0.19
N SER A 968 4.92 -30.54 0.30
CA SER A 968 5.39 -31.59 -0.60
C SER A 968 4.72 -32.93 -0.33
N SER A 969 4.14 -33.19 0.85
CA SER A 969 3.56 -34.54 0.96
C SER A 969 2.17 -34.65 0.36
N ALA A 970 1.59 -33.57 -0.14
CA ALA A 970 0.29 -33.62 -0.78
C ALA A 970 0.33 -34.36 -2.11
N LYS A 971 -0.50 -35.38 -2.26
CA LYS A 971 -0.57 -36.07 -3.54
C LYS A 971 -0.97 -35.17 -4.69
N THR A 972 -1.96 -34.33 -4.46
CA THR A 972 -2.40 -33.34 -5.44
C THR A 972 -1.80 -32.00 -5.09
N GLN A 973 -0.82 -31.57 -5.88
CA GLN A 973 -0.22 -30.24 -5.66
C GLN A 973 -1.17 -29.18 -6.20
N ARG A 974 -1.16 -28.01 -5.56
CA ARG A 974 -2.03 -26.92 -6.01
C ARG A 974 -1.21 -25.65 -6.04
N VAL A 975 -1.36 -24.89 -7.11
CA VAL A 975 -0.66 -23.61 -7.24
C VAL A 975 -1.70 -22.54 -7.55
N GLY A 976 -1.62 -21.42 -6.80
CA GLY A 976 -2.56 -20.33 -7.02
C GLY A 976 -1.89 -19.18 -7.77
N TYR A 977 -2.69 -18.54 -8.60
CA TYR A 977 -2.27 -17.39 -9.38
C TYR A 977 -3.34 -16.30 -9.24
N VAL A 978 -2.88 -15.09 -9.04
CA VAL A 978 -3.75 -13.91 -9.16
C VAL A 978 -3.36 -13.19 -10.43
N LEU A 979 -4.31 -13.00 -11.32
CA LEU A 979 -4.05 -12.36 -12.61
C LEU A 979 -4.73 -11.01 -12.61
N HIS A 980 -3.98 -9.96 -12.91
CA HIS A 980 -4.56 -8.61 -12.92
C HIS A 980 -4.34 -8.03 -14.31
N ARG A 981 -5.38 -7.50 -14.95
N ARG A 981 -5.37 -7.48 -14.93
CA ARG A 981 -5.14 -6.75 -16.18
CA ARG A 981 -5.14 -6.76 -16.16
C ARG A 981 -5.50 -5.31 -15.90
C ARG A 981 -5.50 -5.31 -15.90
N THR A 982 -4.57 -4.42 -16.20
CA THR A 982 -4.84 -2.98 -16.04
C THR A 982 -5.51 -2.49 -17.31
N ASN A 983 -5.73 -1.20 -17.43
CA ASN A 983 -6.28 -0.68 -18.69
C ASN A 983 -5.36 0.43 -19.15
N LEU A 984 -4.80 0.27 -20.35
CA LEU A 984 -3.85 1.23 -20.85
C LEU A 984 -4.53 2.05 -21.95
N MET A 985 -4.18 3.31 -22.03
CA MET A 985 -4.78 4.11 -23.09
C MET A 985 -4.33 3.70 -24.47
N GLN A 986 -5.34 3.81 -25.35
CA GLN A 986 -5.13 3.53 -26.76
C GLN A 986 -4.59 4.81 -27.41
N CYS A 987 -3.35 4.83 -27.93
CA CYS A 987 -2.90 6.08 -28.53
C CYS A 987 -2.37 5.85 -29.94
N GLY A 988 -2.81 4.79 -30.61
CA GLY A 988 -2.40 4.60 -32.00
C GLY A 988 -1.18 3.76 -32.25
N THR A 989 -0.57 3.26 -31.18
CA THR A 989 0.48 2.26 -31.42
C THR A 989 -0.19 0.95 -31.78
N PRO A 990 0.03 0.52 -33.03
CA PRO A 990 -0.58 -0.71 -33.52
C PRO A 990 -0.30 -1.87 -32.58
N GLU A 991 -1.27 -2.74 -32.39
CA GLU A 991 -1.04 -3.85 -31.51
C GLU A 991 -0.29 -4.95 -32.27
N GLU A 992 0.60 -5.61 -31.56
CA GLU A 992 1.29 -6.77 -32.06
C GLU A 992 0.68 -8.01 -31.41
N HIS A 993 0.71 -9.13 -32.11
CA HIS A 993 0.33 -10.39 -31.52
C HIS A 993 1.22 -10.65 -30.32
N THR A 994 0.64 -11.17 -29.24
CA THR A 994 1.36 -11.68 -28.09
C THR A 994 0.76 -13.04 -27.80
N GLN A 995 1.38 -13.83 -26.94
CA GLN A 995 0.82 -15.13 -26.62
C GLN A 995 -0.21 -15.07 -25.47
N LYS A 996 -1.26 -15.87 -25.60
CA LYS A 996 -2.19 -16.11 -24.50
C LYS A 996 -1.45 -16.77 -23.36
N LEU A 997 -1.71 -16.26 -22.17
CA LEU A 997 -1.17 -16.84 -20.94
C LEU A 997 -2.28 -17.65 -20.26
N ASP A 998 -2.06 -18.93 -20.13
CA ASP A 998 -2.91 -19.85 -19.39
C ASP A 998 -2.11 -20.32 -18.19
N VAL A 999 -2.38 -19.64 -17.06
CA VAL A 999 -1.57 -20.02 -15.90
C VAL A 999 -1.75 -21.46 -15.49
N CYS A 1000 -2.88 -22.08 -15.78
CA CYS A 1000 -3.06 -23.47 -15.35
C CYS A 1000 -2.15 -24.44 -16.07
N HIS A 1001 -1.55 -24.03 -17.20
CA HIS A 1001 -0.63 -24.99 -17.86
C HIS A 1001 0.82 -24.56 -17.64
N LEU A 1002 1.11 -23.66 -16.70
CA LEU A 1002 2.50 -23.28 -16.49
C LEU A 1002 3.31 -24.41 -15.85
N LEU A 1003 2.67 -25.26 -15.07
CA LEU A 1003 3.27 -26.43 -14.44
C LEU A 1003 2.69 -27.71 -15.05
N PRO A 1004 3.54 -28.72 -15.14
CA PRO A 1004 3.11 -29.93 -15.84
C PRO A 1004 2.12 -30.76 -15.04
N ASN A 1005 1.57 -31.75 -15.75
CA ASN A 1005 0.64 -32.71 -15.18
C ASN A 1005 -0.58 -32.03 -14.55
N VAL A 1006 -1.15 -31.01 -15.21
CA VAL A 1006 -2.35 -30.36 -14.68
C VAL A 1006 -3.50 -31.34 -14.76
N ALA A 1007 -4.23 -31.45 -13.67
CA ALA A 1007 -5.39 -32.34 -13.57
C ALA A 1007 -6.68 -31.57 -13.35
N ARG A 1008 -6.58 -30.31 -12.98
CA ARG A 1008 -7.78 -29.49 -12.83
C ARG A 1008 -7.37 -28.04 -12.79
N CYS A 1009 -8.27 -27.18 -13.27
CA CYS A 1009 -8.06 -25.72 -13.21
C CYS A 1009 -9.34 -25.13 -12.65
N GLU A 1010 -9.27 -24.31 -11.58
CA GLU A 1010 -10.46 -23.72 -11.00
C GLU A 1010 -10.26 -22.21 -10.87
N ARG A 1011 -11.32 -21.47 -11.14
CA ARG A 1011 -11.35 -20.07 -10.77
C ARG A 1011 -11.72 -20.00 -9.30
N THR A 1012 -11.04 -19.16 -8.53
CA THR A 1012 -11.31 -19.06 -7.11
C THR A 1012 -11.51 -17.61 -6.70
N THR A 1013 -11.98 -17.43 -5.45
CA THR A 1013 -11.85 -16.11 -4.87
C THR A 1013 -10.39 -15.70 -4.80
N LEU A 1014 -10.10 -14.40 -4.63
CA LEU A 1014 -8.72 -13.93 -4.70
C LEU A 1014 -7.84 -14.43 -3.59
N THR A 1015 -8.42 -14.94 -2.50
CA THR A 1015 -7.70 -15.54 -1.39
C THR A 1015 -7.41 -17.02 -1.59
N PHE A 1016 -7.91 -17.54 -2.71
CA PHE A 1016 -7.82 -18.96 -3.08
C PHE A 1016 -8.71 -19.86 -2.21
N LEU A 1017 -9.61 -19.30 -1.39
CA LEU A 1017 -10.28 -20.12 -0.37
C LEU A 1017 -11.57 -20.72 -0.83
N GLN A 1018 -12.13 -20.28 -1.94
CA GLN A 1018 -13.36 -20.87 -2.44
C GLN A 1018 -13.31 -21.10 -3.94
N ASN A 1019 -13.71 -22.29 -4.40
CA ASN A 1019 -13.77 -22.57 -5.83
C ASN A 1019 -15.03 -21.98 -6.43
N LEU A 1020 -14.90 -21.19 -7.47
CA LEU A 1020 -16.01 -20.53 -8.11
C LEU A 1020 -16.40 -21.17 -9.44
N GLU A 1021 -15.45 -21.72 -10.17
CA GLU A 1021 -15.73 -22.31 -11.47
C GLU A 1021 -14.73 -23.42 -11.75
N HIS A 1022 -15.21 -24.54 -12.26
CA HIS A 1022 -14.35 -25.60 -12.74
C HIS A 1022 -14.12 -25.35 -14.21
N LEU A 1023 -12.89 -25.13 -14.66
CA LEU A 1023 -12.70 -24.60 -16.00
C LEU A 1023 -12.48 -25.67 -17.06
N ASP A 1024 -13.20 -25.53 -18.18
CA ASP A 1024 -13.11 -26.40 -19.33
C ASP A 1024 -11.68 -26.54 -19.82
N GLY A 1025 -11.27 -27.77 -20.07
CA GLY A 1025 -9.99 -28.03 -20.65
C GLY A 1025 -8.84 -27.69 -19.73
N MET A 1026 -9.12 -27.40 -18.48
CA MET A 1026 -8.07 -26.98 -17.56
C MET A 1026 -7.38 -25.71 -18.04
N VAL A 1027 -8.09 -24.82 -18.71
CA VAL A 1027 -7.54 -23.56 -19.22
C VAL A 1027 -8.08 -22.38 -18.42
N ALA A 1028 -7.16 -21.55 -17.94
CA ALA A 1028 -7.56 -20.38 -17.17
C ALA A 1028 -7.69 -19.22 -18.14
N PRO A 1029 -8.87 -18.72 -18.37
CA PRO A 1029 -8.98 -17.59 -19.31
C PRO A 1029 -8.22 -16.38 -18.78
N GLU A 1030 -7.84 -15.48 -19.68
CA GLU A 1030 -7.34 -14.17 -19.20
C GLU A 1030 -8.57 -13.34 -18.76
N VAL A 1031 -8.25 -12.26 -18.08
CA VAL A 1031 -9.24 -11.37 -17.52
C VAL A 1031 -9.40 -10.10 -18.33
N CYS A 1032 -10.49 -9.38 -18.08
CA CYS A 1032 -10.79 -8.13 -18.74
C CYS A 1032 -9.98 -6.98 -18.15
N PRO A 1033 -9.85 -5.91 -18.92
CA PRO A 1033 -9.23 -4.70 -18.36
C PRO A 1033 -9.89 -4.26 -17.05
N MET A 1034 -9.04 -3.92 -16.10
CA MET A 1034 -9.36 -3.51 -14.72
C MET A 1034 -9.91 -4.65 -13.88
N GLU A 1035 -9.90 -5.88 -14.39
CA GLU A 1035 -10.35 -6.97 -13.52
CA GLU A 1035 -10.34 -7.03 -13.61
C GLU A 1035 -9.16 -7.76 -13.01
N THR A 1036 -9.44 -8.52 -11.94
CA THR A 1036 -8.48 -9.36 -11.27
C THR A 1036 -9.17 -10.69 -11.03
N ALA A 1037 -8.48 -11.78 -11.33
CA ALA A 1037 -9.09 -13.09 -11.08
C ALA A 1037 -8.02 -13.95 -10.44
N ALA A 1038 -8.47 -15.02 -9.82
CA ALA A 1038 -7.55 -15.98 -9.23
C ALA A 1038 -7.92 -17.35 -9.77
N TYR A 1039 -6.84 -18.12 -9.97
CA TYR A 1039 -7.00 -19.49 -10.43
C TYR A 1039 -6.12 -20.40 -9.60
N VAL A 1040 -6.57 -21.64 -9.44
CA VAL A 1040 -5.74 -22.63 -8.81
C VAL A 1040 -5.66 -23.83 -9.77
N SER A 1041 -4.42 -24.23 -10.07
CA SER A 1041 -4.17 -25.43 -10.88
C SER A 1041 -3.81 -26.55 -9.91
N SER A 1042 -4.34 -27.75 -10.20
CA SER A 1042 -4.07 -28.95 -9.42
C SER A 1042 -3.25 -29.91 -10.30
N HIS A 1043 -2.26 -30.56 -9.70
CA HIS A 1043 -1.29 -31.36 -10.45
C HIS A 1043 -1.11 -32.68 -9.72
N SER A 1044 -1.14 -33.70 -10.54
CA SER A 1044 -0.82 -34.99 -9.89
C SER A 1044 0.68 -35.06 -9.63
N SER A 1045 1.08 -35.48 -8.33
CA SER A 1045 2.46 -35.56 -7.91
C SER A 1045 2.77 -36.83 -7.11
#